data_4LE3
#
_entry.id   4LE3
#
_cell.length_a   54.821
_cell.length_b   62.167
_cell.length_c   79.154
_cell.angle_alpha   81.61
_cell.angle_beta   75.01
_cell.angle_gamma   77.15
#
_symmetry.space_group_name_H-M   'P 1'
#
loop_
_entity.id
_entity.type
_entity.pdbx_description
1 polymer Beta-glucanase
2 water water
#
_entity_poly.entity_id   1
_entity_poly.type   'polypeptide(L)'
_entity_poly.pdbx_seq_one_letter_code
;GTILWDGRFNDMTSSADLNKWSWGNQVGPYQYYIHGSSPVSAYVNLSPDYKNPADTGSRQGAKITLDNTAYWNGQNMRRT
ELIPQTTAAINQGKVYYHFSLMRKDINAPATTREHQIAFFESHFTELKSGWLSGAPGISDTLLRWCVGGQTQWSVEWAAD
VWHNVAYEIDFAAGTVGFWHSTGSDPLTRKVAPVKTSTSSNGADWHVGVLELPRSGYPDSNEDFYWSGVYIESGSLTTSV
AGPGQPIPGDGG
;
_entity_poly.pdbx_strand_id   A,B,C,D
#
# COMPACT_ATOMS: atom_id res chain seq x y z
N GLY A 1 -6.50 39.02 9.89
CA GLY A 1 -6.04 37.81 9.14
C GLY A 1 -6.43 37.80 7.66
N THR A 2 -5.89 36.86 6.89
CA THR A 2 -6.18 36.75 5.47
C THR A 2 -6.15 35.28 5.06
N ILE A 3 -7.21 34.81 4.42
CA ILE A 3 -7.25 33.42 3.96
C ILE A 3 -6.41 33.24 2.70
N LEU A 4 -5.38 32.41 2.77
CA LEU A 4 -4.53 32.18 1.61
C LEU A 4 -5.16 31.15 0.69
N TRP A 5 -5.80 30.15 1.29
CA TRP A 5 -6.44 29.10 0.53
C TRP A 5 -7.63 28.58 1.33
N ASP A 6 -8.72 28.33 0.62
CA ASP A 6 -9.96 27.85 1.25
C ASP A 6 -10.28 26.41 0.82
N GLY A 7 -10.27 25.48 1.78
CA GLY A 7 -10.55 24.10 1.43
C GLY A 7 -11.85 23.70 2.09
N ARG A 8 -12.76 24.66 2.31
CA ARG A 8 -14.02 24.31 2.97
C ARG A 8 -15.13 23.72 2.09
N PHE A 9 -14.84 23.57 0.79
CA PHE A 9 -15.74 23.00 -0.22
C PHE A 9 -16.97 23.87 -0.52
N ASN A 10 -16.98 25.13 -0.09
CA ASN A 10 -18.15 25.99 -0.26
C ASN A 10 -18.60 26.26 -1.69
N ASP A 11 -17.70 26.12 -2.66
CA ASP A 11 -18.08 26.35 -4.03
C ASP A 11 -18.42 25.05 -4.74
N MET A 12 -18.38 23.94 -4.01
CA MET A 12 -18.70 22.64 -4.60
C MET A 12 -20.10 22.19 -4.26
N THR A 13 -20.81 21.61 -5.22
CA THR A 13 -22.13 21.08 -4.93
C THR A 13 -22.01 19.70 -4.29
N SER A 14 -21.06 18.90 -4.76
CA SER A 14 -20.85 17.56 -4.23
C SER A 14 -19.39 17.17 -4.46
N SER A 15 -18.98 16.02 -3.92
CA SER A 15 -17.58 15.58 -4.09
C SER A 15 -17.24 15.23 -5.54
N ALA A 16 -18.27 15.12 -6.39
CA ALA A 16 -18.04 14.82 -7.80
C ALA A 16 -17.21 15.93 -8.42
N ASP A 17 -17.22 17.11 -7.82
CA ASP A 17 -16.47 18.21 -8.39
C ASP A 17 -14.96 17.98 -8.28
N LEU A 18 -14.57 17.04 -7.42
CA LEU A 18 -13.16 16.74 -7.25
C LEU A 18 -12.61 16.15 -8.55
N ASN A 19 -13.48 15.49 -9.31
CA ASN A 19 -13.11 14.88 -10.57
C ASN A 19 -12.73 15.88 -11.64
N LYS A 20 -12.96 17.18 -11.40
CA LYS A 20 -12.60 18.16 -12.40
C LYS A 20 -11.10 18.39 -12.48
N TRP A 21 -10.41 18.11 -11.39
CA TRP A 21 -8.95 18.29 -11.29
C TRP A 21 -8.25 17.13 -11.98
N SER A 22 -7.18 17.44 -12.71
CA SER A 22 -6.38 16.44 -13.40
C SER A 22 -4.99 17.05 -13.53
N TRP A 23 -3.97 16.24 -13.78
CA TRP A 23 -2.63 16.78 -13.91
C TRP A 23 -2.52 17.81 -15.03
N GLY A 24 -3.28 17.58 -16.11
CA GLY A 24 -3.28 18.49 -17.24
C GLY A 24 -4.18 19.70 -17.06
N ASN A 25 -5.08 19.65 -16.08
CA ASN A 25 -5.99 20.76 -15.82
C ASN A 25 -6.19 20.86 -14.31
N GLN A 26 -5.22 21.48 -13.65
CA GLN A 26 -5.23 21.64 -12.20
C GLN A 26 -6.13 22.75 -11.67
N VAL A 27 -7.43 22.56 -11.82
CA VAL A 27 -8.42 23.53 -11.39
C VAL A 27 -9.05 23.16 -10.06
N GLY A 28 -9.77 24.11 -9.47
CA GLY A 28 -10.42 23.86 -8.20
C GLY A 28 -9.49 24.01 -7.01
N PRO A 29 -10.01 23.83 -5.79
CA PRO A 29 -9.20 23.98 -4.57
C PRO A 29 -8.39 22.76 -4.12
N TYR A 30 -8.62 21.61 -4.72
CA TYR A 30 -7.92 20.38 -4.28
C TYR A 30 -7.40 19.49 -5.37
N GLN A 31 -6.20 18.95 -5.20
CA GLN A 31 -5.66 17.99 -6.13
C GLN A 31 -6.25 16.65 -5.63
N TYR A 32 -6.82 15.87 -6.54
CA TYR A 32 -7.40 14.61 -6.16
C TYR A 32 -6.77 13.49 -6.99
N TYR A 33 -5.85 12.75 -6.37
CA TYR A 33 -5.19 11.65 -7.05
C TYR A 33 -4.70 10.56 -6.11
N ILE A 34 -4.53 10.87 -4.81
CA ILE A 34 -4.09 9.87 -3.86
C ILE A 34 -5.33 9.15 -3.32
N HIS A 35 -5.73 8.13 -4.08
CA HIS A 35 -6.91 7.34 -3.76
C HIS A 35 -6.85 5.98 -4.48
N GLY A 36 -7.74 5.09 -4.07
CA GLY A 36 -7.81 3.77 -4.66
C GLY A 36 -8.51 3.68 -6.00
N SER A 37 -8.75 2.43 -6.43
CA SER A 37 -9.35 2.14 -7.71
C SER A 37 -10.85 2.45 -7.89
N SER A 38 -11.54 2.78 -6.82
CA SER A 38 -12.97 3.09 -6.93
C SER A 38 -13.24 4.56 -7.28
N PRO A 39 -14.51 4.89 -7.62
CA PRO A 39 -14.93 6.26 -7.97
C PRO A 39 -14.87 7.12 -6.71
N VAL A 40 -14.86 8.43 -6.89
CA VAL A 40 -14.74 9.31 -5.74
C VAL A 40 -15.81 9.11 -4.64
N SER A 41 -17.05 8.80 -5.03
CA SER A 41 -18.11 8.62 -4.03
C SER A 41 -17.85 7.47 -3.05
N ALA A 42 -16.88 6.60 -3.36
CA ALA A 42 -16.53 5.54 -2.43
C ALA A 42 -15.63 6.08 -1.31
N TYR A 43 -14.94 7.18 -1.59
CA TYR A 43 -13.99 7.76 -0.66
C TYR A 43 -14.28 9.12 -0.05
N VAL A 44 -15.04 9.95 -0.75
CA VAL A 44 -15.30 11.31 -0.28
C VAL A 44 -16.73 11.71 -0.57
N ASN A 45 -17.45 12.11 0.46
CA ASN A 45 -18.85 12.53 0.29
C ASN A 45 -19.07 13.75 1.14
N LEU A 46 -19.79 14.74 0.60
CA LEU A 46 -20.06 15.96 1.33
C LEU A 46 -21.48 16.03 1.83
N SER A 47 -21.67 16.63 2.99
CA SER A 47 -22.99 16.82 3.56
C SER A 47 -22.98 17.80 4.70
N PRO A 48 -24.08 18.55 4.87
CA PRO A 48 -24.14 19.51 5.99
C PRO A 48 -24.07 18.70 7.29
N ASP A 49 -24.43 17.42 7.22
CA ASP A 49 -24.43 16.59 8.42
C ASP A 49 -23.04 16.12 8.79
N TYR A 50 -22.06 16.39 7.94
CA TYR A 50 -20.71 15.90 8.20
C TYR A 50 -19.74 16.96 8.71
N LYS A 51 -20.24 18.13 9.10
CA LYS A 51 -19.36 19.19 9.62
C LYS A 51 -19.58 19.48 11.09
N ASN A 52 -18.69 20.31 11.65
CA ASN A 52 -18.83 20.75 13.02
C ASN A 52 -20.03 21.71 12.93
N PRO A 53 -21.12 21.43 13.66
CA PRO A 53 -22.30 22.31 13.61
C PRO A 53 -22.04 23.78 13.99
N ALA A 54 -20.99 24.02 14.78
CA ALA A 54 -20.67 25.37 15.22
C ALA A 54 -19.96 26.19 14.13
N ASP A 55 -19.42 25.50 13.14
CA ASP A 55 -18.70 26.16 12.05
C ASP A 55 -19.63 26.68 10.98
N THR A 56 -20.15 27.89 11.18
CA THR A 56 -21.05 28.44 10.20
C THR A 56 -20.31 28.89 8.95
N GLY A 57 -18.99 28.80 8.98
CA GLY A 57 -18.21 29.18 7.81
C GLY A 57 -18.14 28.07 6.78
N SER A 58 -18.52 26.85 7.17
CA SER A 58 -18.49 25.71 6.26
C SER A 58 -19.91 25.25 5.99
N ARG A 59 -20.31 25.19 4.73
CA ARG A 59 -21.66 24.76 4.38
C ARG A 59 -21.79 23.25 4.52
N GLN A 60 -20.78 22.52 4.05
CA GLN A 60 -20.82 21.07 4.14
C GLN A 60 -19.48 20.58 4.72
N GLY A 61 -19.52 19.38 5.30
CA GLY A 61 -18.30 18.75 5.80
C GLY A 61 -18.06 17.61 4.84
N ALA A 62 -16.93 16.92 5.01
CA ALA A 62 -16.63 15.81 4.13
C ALA A 62 -16.41 14.52 4.91
N LYS A 63 -17.03 13.46 4.45
CA LYS A 63 -16.80 12.17 5.07
C LYS A 63 -15.73 11.54 4.20
N ILE A 64 -14.57 11.27 4.80
CA ILE A 64 -13.49 10.64 4.06
C ILE A 64 -13.46 9.20 4.55
N THR A 65 -13.48 8.29 3.59
CA THR A 65 -13.56 6.85 3.87
C THR A 65 -12.40 5.99 3.37
N LEU A 66 -12.01 5.01 4.18
CA LEU A 66 -11.01 4.04 3.76
C LEU A 66 -11.84 2.76 3.67
N ASP A 67 -11.80 2.08 2.54
CA ASP A 67 -12.52 0.82 2.39
C ASP A 67 -11.56 -0.22 1.85
N ASN A 68 -12.04 -1.41 1.47
CA ASN A 68 -11.12 -2.43 0.98
C ASN A 68 -10.32 -2.07 -0.28
N THR A 69 -10.72 -1.02 -0.98
CA THR A 69 -10.03 -0.64 -2.21
C THR A 69 -9.17 0.63 -2.08
N ALA A 70 -9.09 1.18 -0.87
CA ALA A 70 -8.35 2.42 -0.67
C ALA A 70 -6.83 2.28 -0.65
N TYR A 71 -6.27 1.77 -1.75
CA TYR A 71 -4.82 1.60 -1.87
C TYR A 71 -4.34 2.33 -3.09
N TRP A 72 -3.36 3.23 -2.91
CA TRP A 72 -2.81 4.01 -4.01
C TRP A 72 -1.44 3.55 -4.50
N ASN A 73 -1.27 3.47 -5.82
CA ASN A 73 0.00 3.11 -6.42
C ASN A 73 0.63 1.83 -5.87
N GLY A 74 -0.18 0.78 -5.73
CA GLY A 74 0.36 -0.48 -5.22
C GLY A 74 0.99 -0.50 -3.84
N GLN A 75 0.70 0.50 -3.02
CA GLN A 75 1.26 0.56 -1.65
C GLN A 75 0.44 -0.33 -0.74
N ASN A 76 1.01 -0.67 0.43
CA ASN A 76 0.34 -1.53 1.39
C ASN A 76 -0.38 -0.79 2.51
N MET A 77 -0.37 0.53 2.46
CA MET A 77 -1.07 1.36 3.46
C MET A 77 -2.35 1.86 2.76
N ARG A 78 -3.42 2.05 3.51
CA ARG A 78 -4.66 2.59 2.94
C ARG A 78 -4.58 4.11 3.03
N ARG A 79 -5.00 4.78 1.95
CA ARG A 79 -4.95 6.23 1.89
C ARG A 79 -6.11 6.82 1.11
N THR A 80 -6.60 7.97 1.58
CA THR A 80 -7.61 8.76 0.88
C THR A 80 -7.17 10.15 1.33
N GLU A 81 -6.59 10.89 0.39
CA GLU A 81 -6.07 12.21 0.72
C GLU A 81 -6.33 13.21 -0.39
N LEU A 82 -6.47 14.47 0.02
CA LEU A 82 -6.67 15.61 -0.86
C LEU A 82 -5.49 16.54 -0.53
N ILE A 83 -4.96 17.22 -1.53
CA ILE A 83 -3.85 18.15 -1.30
C ILE A 83 -4.29 19.52 -1.83
N PRO A 84 -3.96 20.61 -1.12
CA PRO A 84 -4.35 21.95 -1.58
C PRO A 84 -3.82 22.23 -2.99
N GLN A 85 -4.67 22.80 -3.84
CA GLN A 85 -4.28 23.19 -5.19
C GLN A 85 -4.25 24.70 -5.04
N THR A 86 -3.06 25.28 -5.03
CA THR A 86 -2.95 26.73 -4.83
C THR A 86 -1.61 27.31 -5.31
N THR A 87 -1.58 28.63 -5.52
CA THR A 87 -0.36 29.32 -5.91
C THR A 87 0.04 30.23 -4.75
N ALA A 88 -0.77 30.24 -3.69
CA ALA A 88 -0.48 31.05 -2.52
C ALA A 88 0.76 30.56 -1.77
N ALA A 89 1.46 31.46 -1.10
CA ALA A 89 2.67 31.13 -0.35
C ALA A 89 2.28 30.49 0.99
N ILE A 90 1.74 29.28 0.93
CA ILE A 90 1.33 28.62 2.16
C ILE A 90 2.49 27.94 2.88
N ASN A 91 3.70 27.98 2.31
CA ASN A 91 4.86 27.34 2.93
C ASN A 91 6.04 28.29 3.18
N GLN A 92 5.72 29.55 3.40
CA GLN A 92 6.74 30.55 3.69
C GLN A 92 6.26 31.44 4.82
N GLY A 93 7.17 31.81 5.72
CA GLY A 93 6.79 32.65 6.84
C GLY A 93 5.90 31.97 7.87
N LYS A 94 5.10 32.77 8.57
CA LYS A 94 4.23 32.19 9.58
C LYS A 94 2.88 31.96 8.90
N VAL A 95 2.40 30.73 9.01
CA VAL A 95 1.14 30.33 8.38
C VAL A 95 0.38 29.45 9.35
N TYR A 96 -0.96 29.57 9.39
CA TYR A 96 -1.80 28.73 10.27
C TYR A 96 -2.62 27.78 9.40
N TYR A 97 -2.52 26.48 9.70
CA TYR A 97 -3.22 25.45 8.92
C TYR A 97 -4.38 24.95 9.78
N HIS A 98 -5.61 25.22 9.31
CA HIS A 98 -6.81 24.88 10.06
C HIS A 98 -7.53 23.64 9.54
N PHE A 99 -8.16 22.92 10.46
CA PHE A 99 -9.03 21.79 10.09
C PHE A 99 -9.75 21.31 11.31
N SER A 100 -10.92 20.69 11.10
CA SER A 100 -11.70 20.14 12.20
C SER A 100 -11.93 18.66 11.82
N LEU A 101 -11.84 17.79 12.82
CA LEU A 101 -11.93 16.36 12.59
C LEU A 101 -12.83 15.65 13.62
N MET A 102 -13.58 14.64 13.19
CA MET A 102 -14.45 13.91 14.11
C MET A 102 -14.58 12.48 13.62
N ARG A 103 -14.78 11.54 14.54
CA ARG A 103 -15.04 10.14 14.20
C ARG A 103 -16.33 9.77 14.94
N LYS A 104 -17.00 8.73 14.46
CA LYS A 104 -18.20 8.23 15.12
C LYS A 104 -17.89 6.80 15.55
N ASP A 105 -18.86 6.15 16.19
CA ASP A 105 -18.69 4.76 16.59
C ASP A 105 -18.95 3.80 15.41
N ILE A 106 -19.72 4.25 14.40
CA ILE A 106 -19.96 3.43 13.21
C ILE A 106 -18.76 3.62 12.29
N ASN A 107 -18.20 2.52 11.80
CA ASN A 107 -17.05 2.59 10.93
C ASN A 107 -15.95 3.42 11.63
N ALA A 108 -15.77 3.20 12.93
CA ALA A 108 -14.75 3.93 13.68
C ALA A 108 -13.35 3.50 13.24
N PRO A 109 -12.39 4.44 13.23
CA PRO A 109 -11.07 3.98 12.81
C PRO A 109 -10.52 2.91 13.77
N ALA A 110 -9.85 1.92 13.20
CA ALA A 110 -9.29 0.82 13.97
C ALA A 110 -8.24 1.32 14.98
N THR A 111 -8.44 1.05 16.27
CA THR A 111 -7.46 1.51 17.26
C THR A 111 -6.22 0.60 17.26
N THR A 112 -6.31 -0.51 16.55
CA THR A 112 -5.21 -1.45 16.46
C THR A 112 -4.21 -1.13 15.39
N ARG A 113 -4.47 -0.07 14.62
CA ARG A 113 -3.57 0.28 13.53
C ARG A 113 -3.21 1.74 13.58
N GLU A 114 -2.00 2.06 13.14
CA GLU A 114 -1.57 3.44 13.17
C GLU A 114 -2.19 4.25 12.04
N HIS A 115 -2.67 5.46 12.36
CA HIS A 115 -3.21 6.36 11.34
C HIS A 115 -2.38 7.64 11.41
N GLN A 116 -2.12 8.22 10.26
CA GLN A 116 -1.36 9.49 10.10
C GLN A 116 -2.41 10.37 9.43
N ILE A 117 -2.66 11.54 10.03
CA ILE A 117 -3.75 12.41 9.62
C ILE A 117 -3.33 13.86 9.45
N ALA A 118 -3.80 14.48 8.36
CA ALA A 118 -3.48 15.92 8.12
C ALA A 118 -1.95 16.10 8.20
N PHE A 119 -1.23 15.23 7.49
CA PHE A 119 0.23 15.26 7.55
C PHE A 119 0.92 15.90 6.37
N PHE A 120 2.14 16.42 6.60
CA PHE A 120 2.92 16.96 5.49
C PHE A 120 3.68 15.77 4.92
N GLU A 121 4.19 15.91 3.69
CA GLU A 121 4.91 14.82 3.03
C GLU A 121 6.16 14.34 3.78
N SER A 122 6.82 15.23 4.51
CA SER A 122 8.01 14.84 5.27
C SER A 122 7.62 14.39 6.69
N HIS A 123 6.33 14.51 6.98
CA HIS A 123 5.77 14.19 8.28
C HIS A 123 6.39 15.05 9.39
N PHE A 124 6.82 16.27 9.09
CA PHE A 124 7.40 17.09 10.16
C PHE A 124 6.34 17.37 11.22
N THR A 125 5.08 17.39 10.81
CA THR A 125 4.00 17.49 11.79
C THR A 125 2.75 16.75 11.24
N GLU A 126 1.91 16.29 12.14
CA GLU A 126 0.71 15.54 11.71
C GLU A 126 -0.02 15.12 12.96
N LEU A 127 -1.22 14.55 12.80
CA LEU A 127 -1.91 13.96 13.94
C LEU A 127 -1.75 12.45 13.71
N LYS A 128 -1.83 11.67 14.78
CA LYS A 128 -1.76 10.21 14.68
C LYS A 128 -2.81 9.62 15.61
N SER A 129 -3.26 8.41 15.29
CA SER A 129 -4.19 7.74 16.16
C SER A 129 -3.84 6.25 16.07
N GLY A 130 -4.40 5.47 16.98
CA GLY A 130 -4.18 4.04 16.96
C GLY A 130 -2.91 3.56 17.63
N TRP A 131 -2.75 2.24 17.58
CA TRP A 131 -1.63 1.51 18.16
C TRP A 131 -0.39 1.77 17.32
N LEU A 132 0.54 2.55 17.88
CA LEU A 132 1.75 2.93 17.18
C LEU A 132 2.94 1.99 17.30
N SER A 133 3.30 1.67 18.54
CA SER A 133 4.46 0.82 18.81
C SER A 133 4.33 0.18 20.18
N GLY A 134 5.20 -0.77 20.46
CA GLY A 134 5.16 -1.44 21.75
C GLY A 134 3.95 -2.32 21.92
N ALA A 135 3.56 -2.52 23.16
CA ALA A 135 2.42 -3.35 23.47
C ALA A 135 1.17 -2.53 23.25
N PRO A 136 0.04 -3.21 23.00
CA PRO A 136 -1.20 -2.45 22.82
C PRO A 136 -1.61 -1.98 24.20
N GLY A 137 -2.36 -0.89 24.27
CA GLY A 137 -2.73 -0.42 25.58
C GLY A 137 -3.59 0.81 25.54
N ILE A 138 -3.77 1.44 26.68
CA ILE A 138 -4.61 2.62 26.79
C ILE A 138 -4.23 3.73 25.82
N SER A 139 -2.97 3.79 25.41
CA SER A 139 -2.54 4.85 24.50
C SER A 139 -3.10 4.72 23.08
N ASP A 140 -3.58 3.53 22.73
CA ASP A 140 -4.07 3.31 21.39
C ASP A 140 -5.37 4.06 21.05
N THR A 141 -6.09 4.51 22.06
CA THR A 141 -7.34 5.22 21.83
C THR A 141 -7.17 6.74 21.81
N LEU A 142 -5.93 7.17 21.82
CA LEU A 142 -5.61 8.60 21.84
C LEU A 142 -5.50 9.19 20.45
N LEU A 143 -5.76 10.50 20.37
CA LEU A 143 -5.56 11.28 19.15
C LEU A 143 -4.33 12.06 19.60
N ARG A 144 -3.29 12.10 18.78
CA ARG A 144 -2.04 12.75 19.15
C ARG A 144 -1.58 13.75 18.12
N TRP A 145 -0.85 14.76 18.59
CA TRP A 145 -0.25 15.75 17.69
C TRP A 145 1.25 15.45 17.80
N CYS A 146 1.87 15.19 16.67
CA CYS A 146 3.28 14.85 16.64
C CYS A 146 4.09 15.88 15.89
N VAL A 147 5.36 16.01 16.27
CA VAL A 147 6.30 16.88 15.59
C VAL A 147 7.54 15.99 15.43
N GLY A 148 7.97 15.80 14.19
CA GLY A 148 9.14 14.97 13.91
C GLY A 148 8.92 13.55 14.40
N GLY A 149 7.66 13.12 14.42
CA GLY A 149 7.33 11.77 14.87
C GLY A 149 7.11 11.63 16.37
N GLN A 150 7.55 12.61 17.15
CA GLN A 150 7.40 12.56 18.60
C GLN A 150 6.08 13.18 19.07
N THR A 151 5.36 12.47 19.92
CA THR A 151 4.09 12.98 20.44
C THR A 151 4.33 14.16 21.37
N GLN A 152 3.61 15.26 21.13
CA GLN A 152 3.74 16.46 21.95
C GLN A 152 2.46 16.77 22.71
N TRP A 153 1.36 16.14 22.32
CA TRP A 153 0.07 16.41 22.97
C TRP A 153 -0.84 15.27 22.56
N SER A 154 -1.77 14.89 23.44
CA SER A 154 -2.71 13.83 23.07
C SER A 154 -3.99 13.95 23.91
N VAL A 155 -5.05 13.29 23.46
CA VAL A 155 -6.29 13.31 24.20
C VAL A 155 -7.05 12.05 23.79
N GLU A 156 -7.95 11.59 24.66
CA GLU A 156 -8.76 10.41 24.37
C GLU A 156 -9.65 10.79 23.18
N TRP A 157 -9.65 10.01 22.10
CA TRP A 157 -10.46 10.36 20.94
C TRP A 157 -11.86 9.74 21.09
N ALA A 158 -12.79 10.55 21.58
CA ALA A 158 -14.15 10.12 21.82
C ALA A 158 -15.04 10.28 20.59
N ALA A 159 -16.06 9.43 20.49
CA ALA A 159 -16.95 9.51 19.35
C ALA A 159 -17.81 10.78 19.37
N ASP A 160 -18.11 11.29 18.18
CA ASP A 160 -18.96 12.46 17.98
C ASP A 160 -18.43 13.80 18.41
N VAL A 161 -17.21 13.82 18.94
CA VAL A 161 -16.60 15.07 19.38
C VAL A 161 -15.84 15.73 18.24
N TRP A 162 -16.05 17.03 18.01
CA TRP A 162 -15.34 17.69 16.94
C TRP A 162 -14.05 18.31 17.48
N HIS A 163 -12.90 17.95 16.89
CA HIS A 163 -11.62 18.50 17.30
C HIS A 163 -11.22 19.55 16.28
N ASN A 164 -11.07 20.77 16.74
CA ASN A 164 -10.67 21.87 15.86
C ASN A 164 -9.20 22.12 16.11
N VAL A 165 -8.43 22.17 15.05
CA VAL A 165 -6.97 22.33 15.18
C VAL A 165 -6.42 23.42 14.26
N ALA A 166 -5.34 24.06 14.70
CA ALA A 166 -4.61 24.94 13.80
C ALA A 166 -3.12 24.66 14.08
N TYR A 167 -2.36 24.33 13.02
CA TYR A 167 -0.93 24.16 13.19
C TYR A 167 -0.38 25.58 12.99
N GLU A 168 0.42 26.08 13.92
CA GLU A 168 1.02 27.41 13.79
C GLU A 168 2.43 27.13 13.29
N ILE A 169 2.64 27.28 12.00
CA ILE A 169 3.94 26.94 11.43
C ILE A 169 4.77 28.15 11.01
N ASP A 170 6.00 28.22 11.51
CA ASP A 170 6.91 29.30 11.11
C ASP A 170 7.93 28.60 10.23
N PHE A 171 7.75 28.70 8.92
CA PHE A 171 8.64 28.04 7.98
C PHE A 171 10.04 28.67 7.94
N ALA A 172 10.16 29.90 8.41
CA ALA A 172 11.48 30.52 8.43
C ALA A 172 12.27 30.09 9.68
N ALA A 173 11.60 29.98 10.81
CA ALA A 173 12.23 29.58 12.06
C ALA A 173 12.29 28.06 12.22
N GLY A 174 11.48 27.37 11.43
CA GLY A 174 11.42 25.93 11.52
C GLY A 174 10.81 25.51 12.84
N THR A 175 9.64 26.07 13.17
CA THR A 175 8.95 25.71 14.40
C THR A 175 7.47 25.44 14.11
N VAL A 176 6.83 24.65 14.96
CA VAL A 176 5.40 24.40 14.79
C VAL A 176 4.74 24.40 16.15
N GLY A 177 3.65 25.16 16.29
CA GLY A 177 2.91 25.26 17.53
C GLY A 177 1.55 24.60 17.29
N PHE A 178 0.81 24.33 18.35
CA PHE A 178 -0.45 23.62 18.23
C PHE A 178 -1.58 24.33 18.94
N TRP A 179 -2.63 24.65 18.18
CA TRP A 179 -3.82 25.31 18.71
C TRP A 179 -4.94 24.27 18.58
N HIS A 180 -5.86 24.25 19.55
CA HIS A 180 -6.89 23.22 19.56
C HIS A 180 -8.06 23.61 20.43
N SER A 181 -9.21 23.02 20.12
CA SER A 181 -10.39 23.18 20.95
C SER A 181 -11.31 22.06 20.53
N THR A 182 -12.33 21.79 21.34
CA THR A 182 -13.33 20.80 20.93
C THR A 182 -14.68 21.53 20.86
N GLY A 183 -15.55 21.07 19.95
CA GLY A 183 -16.87 21.66 19.82
C GLY A 183 -16.95 23.09 19.33
N SER A 184 -17.62 23.95 20.10
CA SER A 184 -17.80 25.35 19.74
C SER A 184 -16.79 26.28 20.37
N ASP A 185 -15.93 25.77 21.26
CA ASP A 185 -14.99 26.64 21.94
C ASP A 185 -13.89 27.16 21.02
N PRO A 186 -13.41 28.39 21.27
CA PRO A 186 -12.35 29.04 20.48
C PRO A 186 -11.01 28.30 20.65
N LEU A 187 -10.19 28.28 19.60
CA LEU A 187 -8.88 27.64 19.66
C LEU A 187 -7.98 28.31 20.69
N THR A 188 -7.23 27.52 21.46
CA THR A 188 -6.25 28.10 22.38
C THR A 188 -4.97 27.36 22.13
N ARG A 189 -3.83 27.99 22.42
CA ARG A 189 -2.57 27.32 22.13
C ARG A 189 -2.22 26.33 23.23
N LYS A 190 -2.19 25.07 22.86
CA LYS A 190 -1.92 24.04 23.83
C LYS A 190 -0.46 23.59 23.91
N VAL A 191 0.31 23.86 22.86
CA VAL A 191 1.75 23.56 22.83
C VAL A 191 2.47 24.71 22.11
N ALA A 192 3.46 25.28 22.79
CA ALA A 192 4.26 26.36 22.24
C ALA A 192 5.08 25.81 21.07
N PRO A 193 5.48 26.66 20.11
CA PRO A 193 6.25 26.16 18.96
C PRO A 193 7.42 25.27 19.32
N VAL A 194 7.49 24.15 18.61
CA VAL A 194 8.48 23.10 18.76
C VAL A 194 9.39 23.11 17.51
N LYS A 195 10.70 23.02 17.70
CA LYS A 195 11.62 23.01 16.56
C LYS A 195 11.67 21.68 15.83
N THR A 196 11.78 21.74 14.51
CA THR A 196 11.90 20.56 13.66
C THR A 196 12.22 21.03 12.23
N SER A 197 12.55 20.10 11.33
CA SER A 197 12.87 20.46 9.93
C SER A 197 11.54 20.68 9.20
N THR A 198 11.21 21.93 8.88
CA THR A 198 9.96 22.22 8.21
C THR A 198 10.07 22.31 6.68
N SER A 199 11.14 21.76 6.11
CA SER A 199 11.35 21.76 4.65
C SER A 199 10.01 21.49 3.95
N SER A 200 9.50 22.48 3.22
CA SER A 200 8.20 22.28 2.60
C SER A 200 7.98 22.57 1.14
N ASN A 201 7.07 21.73 0.65
CA ASN A 201 6.47 21.57 -0.68
C ASN A 201 6.83 22.11 -2.02
N GLY A 202 5.82 21.77 -2.81
CA GLY A 202 5.58 22.12 -4.15
C GLY A 202 4.08 22.27 -3.75
N ALA A 203 3.55 21.24 -3.10
CA ALA A 203 2.16 21.13 -2.60
C ALA A 203 2.33 19.81 -1.86
N ASP A 204 2.24 19.82 -0.54
CA ASP A 204 2.50 18.59 0.19
C ASP A 204 1.78 18.40 1.51
N TRP A 205 0.67 19.09 1.72
CA TRP A 205 -0.11 18.88 2.94
C TRP A 205 -1.21 17.91 2.53
N HIS A 206 -1.30 16.80 3.25
CA HIS A 206 -2.26 15.76 2.93
C HIS A 206 -3.44 15.81 3.85
N VAL A 207 -4.52 16.41 3.35
CA VAL A 207 -5.78 16.51 4.08
C VAL A 207 -6.48 15.19 3.85
N GLY A 208 -6.44 14.37 4.88
CA GLY A 208 -7.00 13.03 4.76
C GLY A 208 -6.30 12.08 5.70
N VAL A 209 -6.33 10.81 5.37
CA VAL A 209 -5.81 9.79 6.27
C VAL A 209 -5.02 8.68 5.61
N LEU A 210 -3.99 8.23 6.30
CA LEU A 210 -3.14 7.13 5.85
C LEU A 210 -3.20 6.13 7.00
N GLU A 211 -3.48 4.87 6.70
CA GLU A 211 -3.54 3.86 7.76
C GLU A 211 -2.53 2.74 7.45
N LEU A 212 -1.62 2.49 8.38
CA LEU A 212 -0.62 1.44 8.21
C LEU A 212 -1.26 0.07 8.49
N PRO A 213 -0.73 -0.98 7.85
CA PRO A 213 -1.29 -2.32 8.10
C PRO A 213 -0.70 -2.84 9.41
N ARG A 214 -1.31 -3.89 9.98
CA ARG A 214 -0.78 -4.51 11.20
C ARG A 214 -1.18 -5.96 11.11
N SER A 215 -0.19 -6.83 11.24
CA SER A 215 -0.41 -8.27 11.18
C SER A 215 -1.61 -8.74 12.02
N GLY A 216 -2.54 -9.42 11.37
CA GLY A 216 -3.71 -9.95 12.05
C GLY A 216 -4.93 -9.03 12.12
N TYR A 217 -4.88 -7.90 11.45
CA TYR A 217 -6.00 -6.95 11.49
C TYR A 217 -6.52 -6.63 10.09
N PRO A 218 -7.61 -7.31 9.69
CA PRO A 218 -8.19 -7.11 8.36
C PRO A 218 -8.84 -5.74 8.20
N ASP A 219 -8.86 -5.26 6.96
CA ASP A 219 -9.48 -3.97 6.64
C ASP A 219 -10.99 -4.01 6.92
N SER A 220 -11.48 -2.92 7.50
CA SER A 220 -12.91 -2.74 7.75
C SER A 220 -13.12 -1.27 7.36
N ASN A 221 -14.31 -0.92 6.89
CA ASN A 221 -14.58 0.47 6.51
C ASN A 221 -14.38 1.42 7.69
N GLU A 222 -13.72 2.54 7.42
CA GLU A 222 -13.42 3.53 8.44
C GLU A 222 -13.76 4.90 7.87
N ASP A 223 -14.54 5.64 8.63
CA ASP A 223 -14.99 6.97 8.20
C ASP A 223 -14.40 8.07 9.09
N PHE A 224 -13.94 9.15 8.46
CA PHE A 224 -13.41 10.29 9.15
C PHE A 224 -14.19 11.51 8.65
N TYR A 225 -14.60 12.38 9.55
CA TYR A 225 -15.38 13.57 9.17
C TYR A 225 -14.53 14.82 9.30
N TRP A 226 -14.62 15.69 8.29
CA TRP A 226 -13.80 16.90 8.26
C TRP A 226 -14.59 18.15 7.90
N SER A 227 -14.20 19.28 8.44
CA SER A 227 -14.80 20.56 8.05
C SER A 227 -13.84 21.68 8.42
N GLY A 228 -14.12 22.88 7.96
CA GLY A 228 -13.28 24.02 8.31
C GLY A 228 -11.81 23.92 7.95
N VAL A 229 -11.51 23.35 6.80
CA VAL A 229 -10.13 23.23 6.37
C VAL A 229 -9.71 24.45 5.57
N TYR A 230 -8.76 25.23 6.06
CA TYR A 230 -8.27 26.39 5.30
C TYR A 230 -6.90 26.83 5.84
N ILE A 231 -6.23 27.70 5.10
CA ILE A 231 -4.91 28.17 5.49
C ILE A 231 -4.92 29.69 5.48
N GLU A 232 -4.43 30.30 6.54
CA GLU A 232 -4.39 31.76 6.63
C GLU A 232 -3.04 32.27 7.12
N SER A 233 -2.82 33.56 6.90
CA SER A 233 -1.58 34.19 7.35
C SER A 233 -1.94 35.43 8.17
N GLY A 234 -0.94 36.01 8.82
CA GLY A 234 -1.13 37.19 9.65
C GLY A 234 -2.37 37.15 10.53
N SER A 235 -2.20 36.81 11.80
CA SER A 235 -3.34 36.75 12.73
C SER A 235 -4.14 35.44 12.61
N LEU A 236 -4.25 34.76 13.73
CA LEU A 236 -4.98 33.50 13.80
C LEU A 236 -6.42 33.73 14.13
N THR A 237 -7.30 33.12 13.35
CA THR A 237 -8.72 33.23 13.64
C THR A 237 -8.96 32.13 14.65
N THR A 238 -9.32 32.46 15.89
CA THR A 238 -9.55 31.41 16.89
C THR A 238 -10.98 30.87 16.89
N SER A 239 -11.91 31.61 16.29
CA SER A 239 -13.31 31.19 16.21
C SER A 239 -13.46 30.00 15.29
N VAL A 240 -14.14 28.95 15.75
CA VAL A 240 -14.29 27.79 14.90
C VAL A 240 -15.20 28.04 13.67
N ALA A 241 -15.95 29.15 13.67
CA ALA A 241 -16.80 29.46 12.52
C ALA A 241 -16.02 30.13 11.39
N GLY A 242 -14.73 30.43 11.63
CA GLY A 242 -13.90 31.02 10.59
C GLY A 242 -13.96 32.54 10.46
N PRO A 243 -13.15 33.12 9.57
CA PRO A 243 -13.14 34.58 9.38
C PRO A 243 -14.45 35.10 8.82
N GLY A 244 -14.81 36.33 9.16
CA GLY A 244 -16.05 36.89 8.61
C GLY A 244 -17.37 36.30 9.07
N GLN A 245 -17.34 35.39 10.04
CA GLN A 245 -18.55 34.80 10.58
C GLN A 245 -18.70 35.28 12.00
N PRO A 246 -19.94 35.34 12.50
CA PRO A 246 -20.12 35.79 13.89
C PRO A 246 -19.47 34.74 14.81
N ILE A 247 -18.83 35.19 15.89
CA ILE A 247 -18.20 34.25 16.82
C ILE A 247 -19.28 33.43 17.51
N PRO A 248 -19.14 32.08 17.48
CA PRO A 248 -20.14 31.22 18.13
C PRO A 248 -20.10 31.51 19.61
N GLY A 249 -18.89 31.31 20.16
CA GLY A 249 -18.62 31.50 21.56
C GLY A 249 -18.05 30.24 22.20
N GLY B 1 43.91 33.81 13.06
CA GLY B 1 43.82 32.89 11.98
C GLY B 1 44.36 31.54 12.33
N THR B 2 43.47 30.64 12.52
CA THR B 2 43.80 29.32 12.78
C THR B 2 42.56 28.55 13.01
N ILE B 3 42.79 27.36 13.42
CA ILE B 3 41.78 26.42 13.60
C ILE B 3 41.20 26.66 14.92
N LEU B 4 39.97 27.03 14.96
CA LEU B 4 39.22 27.12 16.16
C LEU B 4 38.79 25.83 16.83
N TRP B 5 38.38 24.92 15.97
CA TRP B 5 37.99 23.58 16.31
C TRP B 5 38.37 22.56 15.29
N ASP B 6 38.95 21.46 15.72
CA ASP B 6 39.42 20.45 14.78
C ASP B 6 38.59 19.16 14.89
N GLY B 7 37.85 18.84 13.84
CA GLY B 7 37.06 17.61 13.88
C GLY B 7 37.54 16.55 12.92
N ARG B 8 38.84 16.54 12.62
CA ARG B 8 39.37 15.56 11.66
C ARG B 8 39.65 14.19 12.24
N PHE B 9 39.38 14.06 13.55
CA PHE B 9 39.53 12.81 14.29
C PHE B 9 41.01 12.38 14.49
N ASN B 10 41.96 13.28 14.29
CA ASN B 10 43.36 12.89 14.44
C ASN B 10 43.80 12.40 15.81
N ASP B 11 43.04 12.77 16.83
CA ASP B 11 43.31 12.36 18.21
C ASP B 11 42.47 11.17 18.63
N MET B 12 41.76 10.58 17.67
CA MET B 12 40.92 9.43 17.97
C MET B 12 41.48 8.18 17.30
N THR B 13 41.37 7.05 17.99
CA THR B 13 41.84 5.78 17.43
C THR B 13 40.75 5.08 16.64
N SER B 14 39.53 5.07 17.18
CA SER B 14 38.41 4.43 16.49
C SER B 14 37.13 5.16 16.93
N SER B 15 36.02 4.86 16.29
CA SER B 15 34.77 5.54 16.64
C SER B 15 34.33 5.24 18.05
N ALA B 16 34.87 4.17 18.63
CA ALA B 16 34.56 3.82 20.01
C ALA B 16 34.90 5.00 20.95
N ASP B 17 35.85 5.84 20.53
CA ASP B 17 36.22 6.97 21.37
C ASP B 17 35.07 7.97 21.55
N LEU B 18 34.10 7.95 20.64
CA LEU B 18 32.96 8.83 20.78
C LEU B 18 32.17 8.46 22.04
N ASN B 19 32.30 7.21 22.51
CA ASN B 19 31.59 6.79 23.74
C ASN B 19 32.08 7.53 24.99
N LYS B 20 33.24 8.17 24.91
CA LYS B 20 33.80 8.91 26.04
C LYS B 20 32.97 10.14 26.41
N TRP B 21 32.29 10.67 25.41
CA TRP B 21 31.46 11.85 25.59
C TRP B 21 30.12 11.50 26.26
N SER B 22 29.68 12.38 27.15
CA SER B 22 28.41 12.28 27.86
C SER B 22 27.98 13.71 28.25
N TRP B 23 26.70 13.92 28.52
CA TRP B 23 26.24 15.26 28.89
C TRP B 23 26.92 15.74 30.17
N GLY B 24 27.22 14.81 31.07
CA GLY B 24 27.86 15.21 32.31
C GLY B 24 29.37 15.31 32.19
N ASN B 25 29.91 14.79 31.09
CA ASN B 25 31.35 14.79 30.88
C ASN B 25 31.60 15.06 29.39
N GLN B 26 31.48 16.32 29.01
CA GLN B 26 31.64 16.71 27.61
C GLN B 26 33.09 16.81 27.15
N VAL B 27 33.74 15.66 27.05
CA VAL B 27 35.14 15.61 26.64
C VAL B 27 35.29 15.30 25.17
N GLY B 28 36.47 15.64 24.62
CA GLY B 28 36.71 15.34 23.23
C GLY B 28 36.17 16.37 22.28
N PRO B 29 36.38 16.14 20.99
CA PRO B 29 35.95 17.04 19.91
C PRO B 29 34.49 16.98 19.46
N TYR B 30 33.80 15.89 19.76
CA TYR B 30 32.44 15.71 19.27
C TYR B 30 31.40 15.26 20.27
N GLN B 31 30.21 15.87 20.22
CA GLN B 31 29.13 15.41 21.07
C GLN B 31 28.54 14.29 20.24
N TYR B 32 28.22 13.19 20.91
CA TYR B 32 27.65 12.06 20.21
C TYR B 32 26.45 11.60 20.99
N TYR B 33 25.27 12.03 20.55
CA TYR B 33 24.03 11.64 21.20
C TYR B 33 22.88 11.47 20.21
N ILE B 34 22.98 12.07 19.04
CA ILE B 34 21.93 11.91 18.03
C ILE B 34 22.18 10.67 17.19
N HIS B 35 21.70 9.53 17.68
CA HIS B 35 21.90 8.29 16.98
C HIS B 35 20.90 7.30 17.53
N GLY B 36 20.76 6.17 16.83
CA GLY B 36 19.85 5.13 17.24
C GLY B 36 20.30 4.28 18.44
N SER B 37 19.55 3.22 18.69
CA SER B 37 19.80 2.33 19.83
C SER B 37 20.97 1.35 19.74
N SER B 38 21.56 1.19 18.57
CA SER B 38 22.69 0.25 18.39
C SER B 38 24.03 0.85 18.84
N PRO B 39 25.08 0.01 18.95
CA PRO B 39 26.43 0.45 19.35
C PRO B 39 26.98 1.39 18.28
N VAL B 40 27.94 2.23 18.66
CA VAL B 40 28.52 3.17 17.72
C VAL B 40 29.00 2.61 16.38
N SER B 41 29.57 1.39 16.37
CA SER B 41 30.04 0.82 15.12
C SER B 41 28.90 0.54 14.11
N ALA B 42 27.65 0.62 14.55
CA ALA B 42 26.55 0.41 13.60
C ALA B 42 26.35 1.70 12.80
N TYR B 43 26.83 2.82 13.36
CA TYR B 43 26.64 4.13 12.73
C TYR B 43 27.86 4.96 12.32
N VAL B 44 28.98 4.81 13.05
CA VAL B 44 30.17 5.56 12.72
C VAL B 44 31.39 4.64 12.80
N ASN B 45 32.22 4.65 11.77
CA ASN B 45 33.46 3.83 11.72
C ASN B 45 34.56 4.67 11.08
N LEU B 46 35.77 4.60 11.63
CA LEU B 46 36.88 5.38 11.09
C LEU B 46 37.86 4.48 10.35
N SER B 47 38.55 5.05 9.37
CA SER B 47 39.54 4.31 8.59
C SER B 47 40.25 5.19 7.60
N PRO B 48 41.54 4.92 7.32
CA PRO B 48 42.29 5.73 6.37
C PRO B 48 41.61 5.61 4.98
N ASP B 49 40.91 4.50 4.75
CA ASP B 49 40.24 4.29 3.47
C ASP B 49 38.93 5.08 3.31
N TYR B 50 38.49 5.73 4.37
CA TYR B 50 37.24 6.49 4.31
C TYR B 50 37.43 8.00 4.11
N LYS B 51 38.64 8.45 3.85
CA LYS B 51 38.90 9.88 3.69
C LYS B 51 39.35 10.25 2.28
N ASN B 52 39.34 11.56 1.99
CA ASN B 52 39.81 12.07 0.71
C ASN B 52 41.32 11.80 0.73
N PRO B 53 41.82 10.98 -0.21
CA PRO B 53 43.26 10.67 -0.23
C PRO B 53 44.17 11.91 -0.29
N ALA B 54 43.68 12.99 -0.90
CA ALA B 54 44.49 14.20 -1.01
C ALA B 54 44.57 15.00 0.29
N ASP B 55 43.73 14.65 1.26
CA ASP B 55 43.75 15.39 2.53
C ASP B 55 44.78 14.77 3.47
N THR B 56 46.02 15.23 3.37
CA THR B 56 47.09 14.70 4.21
C THR B 56 46.98 15.19 5.66
N GLY B 57 46.08 16.16 5.88
CA GLY B 57 45.85 16.72 7.20
C GLY B 57 44.92 15.85 8.04
N SER B 58 44.33 14.85 7.40
CA SER B 58 43.42 13.91 8.05
C SER B 58 43.99 12.50 7.98
N ARG B 59 44.17 11.85 9.14
CA ARG B 59 44.70 10.51 9.18
C ARG B 59 43.65 9.48 8.77
N GLN B 60 42.44 9.67 9.28
CA GLN B 60 41.36 8.77 8.94
C GLN B 60 40.10 9.58 8.57
N GLY B 61 39.19 8.92 7.86
CA GLY B 61 37.92 9.52 7.48
C GLY B 61 36.87 8.72 8.22
N ALA B 62 35.62 9.17 8.19
CA ALA B 62 34.57 8.49 8.90
C ALA B 62 33.46 8.07 7.96
N LYS B 63 32.99 6.83 8.13
CA LYS B 63 31.84 6.34 7.36
C LYS B 63 30.69 6.52 8.32
N ILE B 64 29.69 7.30 7.90
CA ILE B 64 28.52 7.54 8.72
C ILE B 64 27.41 6.78 8.03
N THR B 65 26.70 5.97 8.80
CA THR B 65 25.66 5.10 8.29
C THR B 65 24.27 5.24 8.87
N LEU B 66 23.27 5.08 8.02
CA LEU B 66 21.89 5.10 8.47
C LEU B 66 21.39 3.68 8.22
N ASP B 67 20.86 3.01 9.23
CA ASP B 67 20.31 1.68 9.00
C ASP B 67 18.90 1.67 9.54
N ASN B 68 18.30 0.49 9.67
CA ASN B 68 16.92 0.41 10.13
C ASN B 68 16.70 0.91 11.54
N THR B 69 17.77 0.97 12.32
CA THR B 69 17.66 1.41 13.69
C THR B 69 18.13 2.86 13.94
N ALA B 70 18.57 3.54 12.87
CA ALA B 70 19.06 4.90 13.02
C ALA B 70 17.99 5.97 13.26
N TYR B 71 17.25 5.81 14.36
CA TYR B 71 16.20 6.76 14.76
C TYR B 71 16.49 7.20 16.17
N TRP B 72 16.52 8.50 16.36
CA TRP B 72 16.80 9.04 17.69
C TRP B 72 15.55 9.44 18.48
N ASN B 73 15.48 8.98 19.73
CA ASN B 73 14.40 9.39 20.61
C ASN B 73 12.96 9.29 20.08
N GLY B 74 12.68 8.26 19.29
CA GLY B 74 11.32 8.07 18.78
C GLY B 74 10.88 9.00 17.66
N GLN B 75 11.86 9.66 17.03
CA GLN B 75 11.56 10.55 15.92
C GLN B 75 11.32 9.69 14.69
N ASN B 76 10.76 10.31 13.65
CA ASN B 76 10.43 9.60 12.44
C ASN B 76 11.41 9.81 11.28
N MET B 77 12.47 10.57 11.54
CA MET B 77 13.50 10.85 10.53
C MET B 77 14.76 10.02 10.90
N ARG B 78 15.49 9.52 9.91
CA ARG B 78 16.71 8.79 10.24
C ARG B 78 17.86 9.77 10.45
N ARG B 79 18.63 9.57 11.51
CA ARG B 79 19.72 10.48 11.80
C ARG B 79 20.94 9.81 12.41
N THR B 80 22.10 10.27 11.99
CA THR B 80 23.36 9.84 12.60
C THR B 80 24.14 11.12 12.49
N GLU B 81 24.31 11.81 13.62
CA GLU B 81 24.97 13.12 13.59
C GLU B 81 25.92 13.35 14.73
N LEU B 82 27.01 14.06 14.44
CA LEU B 82 28.00 14.44 15.45
C LEU B 82 27.92 15.96 15.51
N ILE B 83 28.19 16.56 16.67
CA ILE B 83 28.15 18.02 16.80
C ILE B 83 29.46 18.48 17.43
N PRO B 84 30.04 19.57 16.93
CA PRO B 84 31.30 20.02 17.55
C PRO B 84 31.15 20.27 19.06
N GLN B 85 32.17 19.89 19.82
CA GLN B 85 32.20 20.15 21.27
C GLN B 85 33.31 21.19 21.37
N THR B 86 32.96 22.44 21.63
CA THR B 86 33.96 23.49 21.69
C THR B 86 33.45 24.73 22.40
N THR B 87 34.38 25.48 23.00
CA THR B 87 34.03 26.73 23.65
C THR B 87 34.45 27.89 22.74
N ALA B 88 35.19 27.56 21.68
CA ALA B 88 35.66 28.60 20.74
C ALA B 88 34.51 29.37 20.12
N ALA B 89 34.79 30.59 19.65
CA ALA B 89 33.75 31.43 19.06
C ALA B 89 33.46 31.07 17.61
N ILE B 90 32.94 29.88 17.40
CA ILE B 90 32.66 29.45 16.05
C ILE B 90 31.36 30.00 15.51
N ASN B 91 30.63 30.73 16.34
CA ASN B 91 29.33 31.28 15.97
C ASN B 91 29.29 32.80 15.97
N GLN B 92 30.45 33.42 15.88
CA GLN B 92 30.54 34.88 15.88
C GLN B 92 31.57 35.33 14.86
N GLY B 93 31.37 36.52 14.30
CA GLY B 93 32.30 37.05 13.32
C GLY B 93 32.42 36.25 12.04
N LYS B 94 33.56 36.40 11.37
CA LYS B 94 33.83 35.72 10.11
C LYS B 94 34.53 34.37 10.39
N VAL B 95 33.86 33.29 9.99
CA VAL B 95 34.36 31.94 10.25
C VAL B 95 34.20 31.04 9.02
N TYR B 96 35.08 30.05 8.89
CA TYR B 96 35.01 29.12 7.76
C TYR B 96 34.76 27.69 8.23
N TYR B 97 33.67 27.09 7.77
CA TYR B 97 33.34 25.73 8.14
C TYR B 97 33.76 24.79 7.02
N HIS B 98 34.68 23.90 7.33
CA HIS B 98 35.20 22.94 6.34
C HIS B 98 34.74 21.50 6.51
N PHE B 99 34.57 20.81 5.39
CA PHE B 99 34.27 19.39 5.38
C PHE B 99 34.35 18.83 3.98
N SER B 100 34.61 17.53 3.88
CA SER B 100 34.72 16.84 2.59
C SER B 100 33.75 15.69 2.71
N LEU B 101 33.00 15.43 1.63
CA LEU B 101 31.96 14.39 1.61
C LEU B 101 32.02 13.56 0.34
N MET B 102 31.68 12.28 0.47
CA MET B 102 31.68 11.37 -0.67
C MET B 102 30.68 10.26 -0.44
N ARG B 103 30.13 9.74 -1.55
CA ARG B 103 29.19 8.64 -1.52
C ARG B 103 29.70 7.58 -2.50
N LYS B 104 29.21 6.36 -2.31
CA LYS B 104 29.57 5.25 -3.19
C LYS B 104 28.28 4.72 -3.80
N ASP B 105 28.42 3.78 -4.73
CA ASP B 105 27.23 3.19 -5.32
C ASP B 105 26.76 2.08 -4.39
N ILE B 106 27.66 1.64 -3.51
CA ILE B 106 27.31 0.62 -2.53
C ILE B 106 26.64 1.37 -1.37
N ASN B 107 25.45 0.92 -0.97
CA ASN B 107 24.68 1.58 0.09
C ASN B 107 24.53 3.06 -0.24
N ALA B 108 24.18 3.36 -1.49
CA ALA B 108 24.04 4.74 -1.91
C ALA B 108 22.90 5.53 -1.26
N PRO B 109 23.09 6.83 -1.05
CA PRO B 109 22.01 7.60 -0.44
C PRO B 109 20.78 7.45 -1.36
N ALA B 110 19.59 7.39 -0.79
CA ALA B 110 18.38 7.25 -1.61
C ALA B 110 18.15 8.55 -2.38
N THR B 111 17.84 8.45 -3.67
CA THR B 111 17.59 9.66 -4.43
C THR B 111 16.12 10.02 -4.32
N THR B 112 15.36 9.15 -3.67
CA THR B 112 13.91 9.31 -3.49
C THR B 112 13.48 10.01 -2.21
N ARG B 113 14.44 10.28 -1.32
CA ARG B 113 14.11 10.92 -0.07
C ARG B 113 15.03 12.09 0.18
N GLU B 114 14.55 13.07 0.93
CA GLU B 114 15.34 14.25 1.20
C GLU B 114 16.37 14.01 2.30
N HIS B 115 17.61 14.41 2.03
CA HIS B 115 18.67 14.30 3.03
C HIS B 115 19.14 15.72 3.37
N GLN B 116 19.34 16.00 4.65
CA GLN B 116 19.87 17.30 5.10
C GLN B 116 21.26 16.91 5.66
N ILE B 117 22.29 17.56 5.13
CA ILE B 117 23.69 17.19 5.43
C ILE B 117 24.55 18.36 5.89
N ALA B 118 25.34 18.16 6.94
CA ALA B 118 26.22 19.22 7.40
C ALA B 118 25.38 20.51 7.60
N PHE B 119 24.29 20.35 8.33
CA PHE B 119 23.36 21.43 8.53
C PHE B 119 23.33 22.05 9.91
N PHE B 120 22.91 23.30 9.96
CA PHE B 120 22.79 23.98 11.24
C PHE B 120 21.35 23.73 11.70
N GLU B 121 21.14 23.69 13.00
CA GLU B 121 19.80 23.43 13.57
C GLU B 121 18.72 24.33 12.99
N SER B 122 19.08 25.59 12.77
CA SER B 122 18.14 26.58 12.23
C SER B 122 18.11 26.50 10.72
N HIS B 123 18.92 25.61 10.17
CA HIS B 123 18.98 25.41 8.73
C HIS B 123 19.27 26.69 7.92
N PHE B 124 20.03 27.62 8.48
CA PHE B 124 20.37 28.80 7.70
C PHE B 124 21.26 28.42 6.48
N THR B 125 21.94 27.27 6.58
CA THR B 125 22.74 26.75 5.46
C THR B 125 22.95 25.26 5.71
N GLU B 126 23.16 24.51 4.63
CA GLU B 126 23.31 23.07 4.69
C GLU B 126 23.43 22.57 3.26
N LEU B 127 23.71 21.28 3.13
CA LEU B 127 23.72 20.65 1.83
C LEU B 127 22.48 19.76 1.90
N LYS B 128 21.93 19.44 0.74
CA LYS B 128 20.80 18.54 0.66
C LYS B 128 21.03 17.59 -0.49
N SER B 129 20.44 16.40 -0.42
CA SER B 129 20.52 15.46 -1.51
C SER B 129 19.18 14.75 -1.62
N GLY B 130 18.96 14.14 -2.76
CA GLY B 130 17.73 13.41 -3.00
C GLY B 130 16.58 14.33 -3.33
N TRP B 131 15.41 13.73 -3.46
CA TRP B 131 14.18 14.43 -3.75
C TRP B 131 13.87 15.45 -2.65
N LEU B 132 13.57 16.69 -3.02
CA LEU B 132 13.26 17.69 -1.99
C LEU B 132 11.79 17.46 -1.60
N SER B 133 11.53 17.26 -0.30
CA SER B 133 10.17 16.98 0.18
C SER B 133 9.13 17.97 -0.38
N GLY B 134 8.14 17.41 -1.07
CA GLY B 134 7.09 18.22 -1.66
C GLY B 134 7.28 18.19 -3.16
N ALA B 135 8.52 18.46 -3.58
CA ALA B 135 8.92 18.48 -4.98
C ALA B 135 8.14 17.51 -5.87
N PRO B 136 7.92 17.89 -7.13
CA PRO B 136 7.18 17.08 -8.10
C PRO B 136 7.53 15.60 -8.22
N GLY B 137 8.33 15.26 -9.22
CA GLY B 137 8.73 13.88 -9.49
C GLY B 137 9.00 12.86 -8.38
N ILE B 138 9.83 11.88 -8.71
CA ILE B 138 10.18 10.82 -7.79
C ILE B 138 11.63 10.85 -7.28
N SER B 139 12.59 10.92 -8.20
CA SER B 139 14.00 10.92 -7.83
C SER B 139 14.75 12.18 -8.24
N ASP B 140 15.76 12.54 -7.44
CA ASP B 140 16.59 13.71 -7.68
C ASP B 140 18.04 13.24 -7.45
N THR B 141 18.92 13.49 -8.41
CA THR B 141 20.29 13.03 -8.30
C THR B 141 21.31 14.11 -7.96
N LEU B 142 20.82 15.28 -7.60
CA LEU B 142 21.72 16.36 -7.27
C LEU B 142 22.13 16.44 -5.79
N LEU B 143 23.30 17.04 -5.59
CA LEU B 143 23.82 17.35 -4.26
C LEU B 143 23.62 18.86 -4.35
N ARG B 144 22.98 19.47 -3.36
CA ARG B 144 22.73 20.90 -3.41
C ARG B 144 23.25 21.66 -2.22
N TRP B 145 23.58 22.93 -2.41
CA TRP B 145 23.96 23.79 -1.30
C TRP B 145 22.78 24.75 -1.14
N CYS B 146 22.24 24.82 0.08
CA CYS B 146 21.08 25.68 0.36
C CYS B 146 21.35 26.75 1.40
N VAL B 147 20.62 27.86 1.28
CA VAL B 147 20.71 28.94 2.24
C VAL B 147 19.25 29.30 2.49
N GLY B 148 18.87 29.41 3.75
CA GLY B 148 17.49 29.72 4.06
C GLY B 148 16.54 28.72 3.43
N GLY B 149 16.98 27.49 3.25
CA GLY B 149 16.14 26.46 2.67
C GLY B 149 16.02 26.42 1.16
N GLN B 150 16.68 27.35 0.47
CA GLN B 150 16.64 27.43 -0.98
C GLN B 150 17.99 27.12 -1.61
N THR B 151 17.96 26.35 -2.69
CA THR B 151 19.19 25.96 -3.41
C THR B 151 19.87 27.15 -4.08
N GLN B 152 21.18 27.24 -3.90
CA GLN B 152 21.97 28.32 -4.51
C GLN B 152 23.02 27.74 -5.47
N TRP B 153 23.30 26.45 -5.33
CA TRP B 153 24.27 25.76 -6.16
C TRP B 153 23.93 24.26 -6.14
N SER B 154 24.22 23.57 -7.22
CA SER B 154 23.93 22.14 -7.26
C SER B 154 24.79 21.42 -8.30
N VAL B 155 24.89 20.12 -8.15
CA VAL B 155 25.66 19.31 -9.09
C VAL B 155 25.23 17.86 -9.02
N GLU B 156 25.37 17.17 -10.14
CA GLU B 156 25.05 15.76 -10.19
C GLU B 156 26.03 15.13 -9.20
N TRP B 157 25.51 14.31 -8.28
CA TRP B 157 26.36 13.68 -7.27
C TRP B 157 26.85 12.34 -7.76
N ALA B 158 28.09 12.28 -8.21
CA ALA B 158 28.60 10.99 -8.71
C ALA B 158 29.30 10.21 -7.61
N ALA B 159 29.30 8.89 -7.76
CA ALA B 159 29.96 8.03 -6.78
C ALA B 159 31.49 8.18 -6.81
N ASP B 160 32.08 7.93 -5.66
CA ASP B 160 33.53 7.96 -5.43
C ASP B 160 34.24 9.32 -5.58
N VAL B 161 33.49 10.38 -5.86
CA VAL B 161 34.11 11.68 -5.97
C VAL B 161 34.04 12.44 -4.67
N TRP B 162 35.19 12.97 -4.24
CA TRP B 162 35.24 13.74 -3.01
C TRP B 162 34.88 15.19 -3.24
N HIS B 163 33.85 15.66 -2.55
CA HIS B 163 33.45 17.07 -2.65
C HIS B 163 33.95 17.79 -1.41
N ASN B 164 34.83 18.76 -1.62
CA ASN B 164 35.37 19.54 -0.53
C ASN B 164 34.56 20.85 -0.46
N VAL B 165 34.18 21.24 0.73
CA VAL B 165 33.36 22.42 0.94
C VAL B 165 33.83 23.33 2.07
N ALA B 166 33.58 24.61 1.96
CA ALA B 166 33.82 25.46 3.12
C ALA B 166 32.66 26.44 3.07
N TYR B 167 31.97 26.61 4.20
CA TYR B 167 30.92 27.63 4.25
C TYR B 167 31.64 28.84 4.79
N GLU B 168 31.53 29.97 4.08
CA GLU B 168 32.15 31.21 4.53
C GLU B 168 31.00 31.92 5.23
N ILE B 169 31.00 31.87 6.55
CA ILE B 169 29.91 32.47 7.30
C ILE B 169 30.31 33.74 8.03
N ASP B 170 29.55 34.81 7.80
CA ASP B 170 29.78 36.06 8.52
C ASP B 170 28.57 36.15 9.45
N PHE B 171 28.81 35.79 10.71
CA PHE B 171 27.76 35.77 11.72
C PHE B 171 27.24 37.14 12.17
N ALA B 172 28.00 38.19 11.88
CA ALA B 172 27.59 39.54 12.24
C ALA B 172 26.78 40.14 11.10
N ALA B 173 27.30 40.02 9.88
CA ALA B 173 26.61 40.56 8.72
C ALA B 173 25.45 39.69 8.28
N GLY B 174 25.41 38.46 8.79
CA GLY B 174 24.32 37.55 8.42
C GLY B 174 24.36 37.01 6.99
N THR B 175 25.55 36.66 6.51
CA THR B 175 25.70 36.13 5.15
C THR B 175 26.57 34.88 5.14
N VAL B 176 26.36 34.07 4.12
CA VAL B 176 27.12 32.83 3.93
C VAL B 176 27.55 32.67 2.48
N GLY B 177 28.84 32.41 2.25
CA GLY B 177 29.35 32.18 0.91
C GLY B 177 29.68 30.69 0.75
N PHE B 178 29.76 30.19 -0.48
CA PHE B 178 30.06 28.78 -0.71
C PHE B 178 31.35 28.54 -1.49
N TRP B 179 32.27 27.79 -0.90
CA TRP B 179 33.55 27.46 -1.53
C TRP B 179 33.49 25.95 -1.76
N HIS B 180 34.02 25.49 -2.89
CA HIS B 180 33.95 24.07 -3.20
C HIS B 180 34.99 23.63 -4.23
N SER B 181 35.23 22.32 -4.26
CA SER B 181 36.13 21.72 -5.24
C SER B 181 35.90 20.23 -5.15
N THR B 182 36.36 19.50 -6.16
CA THR B 182 36.28 18.05 -6.11
C THR B 182 37.73 17.55 -6.13
N GLY B 183 37.94 16.37 -5.52
CA GLY B 183 39.26 15.75 -5.49
C GLY B 183 40.34 16.46 -4.68
N SER B 184 41.44 16.77 -5.35
CA SER B 184 42.60 17.42 -4.71
C SER B 184 42.70 18.91 -5.05
N ASP B 185 41.74 19.42 -5.79
CA ASP B 185 41.82 20.82 -6.17
C ASP B 185 41.50 21.76 -5.02
N PRO B 186 42.18 22.90 -4.99
CA PRO B 186 41.97 23.92 -3.96
C PRO B 186 40.55 24.45 -4.06
N LEU B 187 39.96 24.83 -2.93
CA LEU B 187 38.61 25.39 -2.92
C LEU B 187 38.56 26.72 -3.67
N THR B 188 37.49 26.95 -4.40
CA THR B 188 37.32 28.23 -5.08
C THR B 188 35.90 28.65 -4.78
N ARG B 189 35.66 29.96 -4.75
CA ARG B 189 34.32 30.43 -4.43
C ARG B 189 33.34 30.23 -5.58
N LYS B 190 32.30 29.44 -5.31
CA LYS B 190 31.28 29.18 -6.32
C LYS B 190 30.10 30.14 -6.19
N VAL B 191 29.79 30.54 -4.96
CA VAL B 191 28.70 31.48 -4.74
C VAL B 191 29.15 32.55 -3.74
N ALA B 192 29.01 33.83 -4.14
CA ALA B 192 29.38 34.93 -3.26
C ALA B 192 28.39 34.96 -2.09
N PRO B 193 28.80 35.54 -0.96
CA PRO B 193 27.97 35.64 0.25
C PRO B 193 26.52 36.06 0.03
N VAL B 194 25.62 35.17 0.45
CA VAL B 194 24.18 35.34 0.38
C VAL B 194 23.65 35.77 1.76
N LYS B 195 22.76 36.75 1.79
CA LYS B 195 22.19 37.23 3.06
C LYS B 195 21.13 36.25 3.54
N THR B 196 21.10 36.00 4.85
CA THR B 196 20.11 35.09 5.43
C THR B 196 20.08 35.18 6.96
N SER B 197 19.00 34.69 7.54
CA SER B 197 18.84 34.68 8.99
C SER B 197 19.91 33.68 9.50
N THR B 198 21.04 34.21 9.97
CA THR B 198 22.20 33.46 10.43
C THR B 198 22.36 33.42 11.95
N SER B 199 22.11 32.27 12.55
CA SER B 199 22.24 32.13 13.99
C SER B 199 22.66 30.73 14.38
N SER B 200 23.62 30.64 15.28
CA SER B 200 24.12 29.38 15.80
C SER B 200 24.54 29.57 17.27
N ASN B 201 24.28 28.55 18.10
CA ASN B 201 24.66 28.61 19.51
C ASN B 201 26.01 27.92 19.77
N GLY B 202 26.68 27.51 18.69
CA GLY B 202 27.97 26.88 18.86
C GLY B 202 27.92 25.39 19.16
N ALA B 203 26.72 24.83 19.27
CA ALA B 203 26.55 23.40 19.55
C ALA B 203 25.34 22.95 18.75
N ASP B 204 25.27 23.41 17.50
CA ASP B 204 24.15 23.08 16.65
C ASP B 204 24.51 22.86 15.20
N TRP B 205 25.78 22.55 14.94
CA TRP B 205 26.16 22.22 13.56
C TRP B 205 26.22 20.71 13.53
N HIS B 206 25.37 20.13 12.68
CA HIS B 206 25.24 18.70 12.54
C HIS B 206 26.08 18.08 11.46
N VAL B 207 27.21 17.52 11.86
CA VAL B 207 28.13 16.84 10.96
C VAL B 207 27.58 15.42 10.89
N GLY B 208 26.86 15.17 9.81
CA GLY B 208 26.22 13.89 9.67
C GLY B 208 25.05 14.11 8.72
N VAL B 209 24.07 13.21 8.79
CA VAL B 209 22.96 13.24 7.83
C VAL B 209 21.62 12.96 8.52
N LEU B 210 20.59 13.68 8.07
CA LEU B 210 19.22 13.52 8.57
C LEU B 210 18.46 13.17 7.29
N GLU B 211 17.64 12.12 7.30
CA GLU B 211 16.88 11.72 6.12
C GLU B 211 15.40 11.73 6.49
N LEU B 212 14.62 12.52 5.76
CA LEU B 212 13.19 12.63 6.04
C LEU B 212 12.44 11.43 5.50
N PRO B 213 11.36 11.03 6.17
CA PRO B 213 10.60 9.87 5.70
C PRO B 213 9.72 10.27 4.52
N ARG B 214 9.30 9.29 3.75
CA ARG B 214 8.42 9.50 2.61
C ARG B 214 7.58 8.24 2.53
N SER B 215 6.26 8.39 2.73
CA SER B 215 5.35 7.25 2.73
C SER B 215 5.51 6.42 1.47
N GLY B 216 5.68 5.12 1.63
CA GLY B 216 5.84 4.23 0.48
C GLY B 216 7.29 3.99 0.07
N TYR B 217 8.25 4.56 0.80
CA TYR B 217 9.66 4.36 0.49
C TYR B 217 10.39 3.86 1.73
N PRO B 218 10.47 2.53 1.87
CA PRO B 218 11.11 1.80 2.98
C PRO B 218 12.60 2.10 3.11
N ASP B 219 13.11 1.96 4.32
CA ASP B 219 14.53 2.22 4.59
C ASP B 219 15.46 1.17 3.97
N SER B 220 16.65 1.61 3.57
CA SER B 220 17.70 0.76 3.03
C SER B 220 18.98 1.34 3.59
N ASN B 221 20.01 0.52 3.80
CA ASN B 221 21.24 1.06 4.37
C ASN B 221 21.87 2.11 3.47
N GLU B 222 22.32 3.20 4.07
CA GLU B 222 22.95 4.28 3.32
C GLU B 222 24.23 4.72 4.03
N ASP B 223 25.33 4.79 3.28
CA ASP B 223 26.62 5.21 3.83
C ASP B 223 27.09 6.53 3.24
N PHE B 224 27.68 7.37 4.09
CA PHE B 224 28.21 8.66 3.68
C PHE B 224 29.64 8.71 4.24
N TYR B 225 30.58 9.19 3.45
CA TYR B 225 31.99 9.26 3.83
C TYR B 225 32.43 10.70 4.05
N TRP B 226 33.13 10.93 5.16
CA TRP B 226 33.56 12.24 5.59
C TRP B 226 35.03 12.36 5.97
N SER B 227 35.63 13.52 5.72
CA SER B 227 37.00 13.79 6.16
C SER B 227 37.23 15.29 6.13
N GLY B 228 38.32 15.75 6.75
CA GLY B 228 38.65 17.16 6.72
C GLY B 228 37.65 18.11 7.33
N VAL B 229 37.01 17.70 8.40
CA VAL B 229 36.02 18.55 9.08
C VAL B 229 36.70 19.43 10.12
N TYR B 230 36.63 20.76 9.95
CA TYR B 230 37.20 21.68 10.94
C TYR B 230 36.66 23.09 10.73
N ILE B 231 36.86 23.96 11.71
CA ILE B 231 36.38 25.33 11.62
C ILE B 231 37.57 26.25 11.87
N GLU B 232 37.71 27.30 11.06
CA GLU B 232 38.84 28.20 11.22
C GLU B 232 38.43 29.66 11.08
N SER B 233 39.26 30.55 11.60
CA SER B 233 38.98 31.98 11.49
C SER B 233 40.18 32.63 10.82
N GLY B 234 40.07 33.94 10.56
CA GLY B 234 41.14 34.65 9.91
C GLY B 234 41.07 34.41 8.42
N SER B 235 42.12 33.79 7.91
CA SER B 235 42.23 33.51 6.49
C SER B 235 41.62 32.15 6.13
N LEU B 236 41.08 32.04 4.92
CA LEU B 236 40.52 30.77 4.49
C LEU B 236 41.62 29.90 3.91
N THR B 237 41.68 28.64 4.36
CA THR B 237 42.65 27.70 3.84
C THR B 237 41.97 27.04 2.65
N THR B 238 42.49 27.26 1.44
CA THR B 238 41.86 26.65 0.26
C THR B 238 42.36 25.24 -0.03
N SER B 239 43.51 24.89 0.53
CA SER B 239 44.09 23.56 0.32
C SER B 239 43.28 22.48 0.99
N VAL B 240 43.02 21.42 0.25
CA VAL B 240 42.26 20.30 0.74
C VAL B 240 43.04 19.53 1.83
N ALA B 241 44.34 19.78 1.90
CA ALA B 241 45.19 19.13 2.91
C ALA B 241 45.12 19.85 4.26
N GLY B 242 44.50 21.02 4.30
CA GLY B 242 44.37 21.75 5.55
C GLY B 242 45.50 22.72 5.81
N PRO B 243 45.42 23.45 6.93
CA PRO B 243 46.44 24.43 7.31
C PRO B 243 47.75 23.70 7.63
N GLY B 244 48.87 24.40 7.52
CA GLY B 244 50.13 23.75 7.81
C GLY B 244 50.39 22.64 6.81
N GLN B 245 49.48 22.52 5.85
CA GLN B 245 49.59 21.52 4.79
C GLN B 245 49.52 20.10 5.34
N GLY C 1 3.75 -7.44 -0.51
CA GLY C 1 4.38 -8.70 -1.03
C GLY C 1 3.63 -9.32 -2.20
N THR C 2 4.06 -9.01 -3.43
CA THR C 2 3.41 -9.55 -4.62
C THR C 2 3.83 -10.99 -4.90
N ILE C 3 2.87 -11.81 -5.31
CA ILE C 3 3.14 -13.22 -5.60
C ILE C 3 4.04 -13.40 -6.82
N LEU C 4 5.15 -14.12 -6.63
CA LEU C 4 6.08 -14.41 -7.73
C LEU C 4 5.70 -15.73 -8.38
N TRP C 5 5.24 -16.67 -7.56
CA TRP C 5 4.81 -17.98 -8.01
C TRP C 5 3.72 -18.47 -7.07
N ASP C 6 2.65 -19.00 -7.66
CA ASP C 6 1.50 -19.47 -6.92
C ASP C 6 1.34 -20.97 -6.99
N GLY C 7 1.59 -21.65 -5.87
CA GLY C 7 1.45 -23.10 -5.86
C GLY C 7 0.21 -23.57 -5.14
N ARG C 8 -0.81 -22.73 -5.08
CA ARG C 8 -2.04 -23.10 -4.38
C ARG C 8 -3.04 -24.02 -5.09
N PHE C 9 -2.77 -24.39 -6.34
CA PHE C 9 -3.64 -25.30 -7.09
C PHE C 9 -4.92 -24.69 -7.60
N ASN C 10 -5.11 -23.40 -7.36
CA ASN C 10 -6.33 -22.73 -7.77
C ASN C 10 -6.70 -22.85 -9.24
N ASP C 11 -5.72 -23.07 -10.11
CA ASP C 11 -5.98 -23.18 -11.54
C ASP C 11 -6.27 -24.61 -12.02
N MET C 12 -6.22 -25.59 -11.13
CA MET C 12 -6.51 -26.95 -11.56
C MET C 12 -7.64 -27.57 -10.76
N THR C 13 -8.44 -28.39 -11.43
CA THR C 13 -9.57 -29.06 -10.80
C THR C 13 -9.15 -30.29 -9.99
N SER C 14 -8.18 -31.04 -10.51
CA SER C 14 -7.70 -32.25 -9.85
C SER C 14 -6.19 -32.37 -9.98
N SER C 15 -5.60 -33.27 -9.21
CA SER C 15 -4.16 -33.48 -9.26
C SER C 15 -3.77 -34.01 -10.65
N ALA C 16 -4.77 -34.50 -11.38
CA ALA C 16 -4.57 -35.03 -12.71
C ALA C 16 -3.81 -34.07 -13.62
N ASP C 17 -3.90 -32.78 -13.34
CA ASP C 17 -3.23 -31.78 -14.16
C ASP C 17 -1.70 -31.81 -14.06
N LEU C 18 -1.19 -32.44 -12.99
CA LEU C 18 0.26 -32.53 -12.83
C LEU C 18 0.88 -33.31 -13.98
N ASN C 19 0.10 -34.20 -14.58
CA ASN C 19 0.59 -35.02 -15.69
C ASN C 19 0.92 -34.25 -16.96
N LYS C 20 0.56 -32.98 -17.01
CA LYS C 20 0.81 -32.21 -18.22
C LYS C 20 2.25 -31.73 -18.34
N TRP C 21 2.92 -31.59 -17.19
CA TRP C 21 4.31 -31.12 -17.16
C TRP C 21 5.26 -32.18 -17.71
N SER C 22 6.34 -31.75 -18.35
CA SER C 22 7.36 -32.66 -18.86
C SER C 22 8.56 -31.76 -19.05
N TRP C 23 9.75 -32.35 -19.15
CA TRP C 23 10.94 -31.52 -19.37
C TRP C 23 10.82 -30.74 -20.68
N GLY C 24 10.03 -31.26 -21.60
CA GLY C 24 9.85 -30.59 -22.88
C GLY C 24 8.61 -29.73 -22.97
N ASN C 25 7.77 -29.77 -21.94
CA ASN C 25 6.52 -29.00 -21.90
C ASN C 25 6.33 -28.54 -20.46
N GLN C 26 7.20 -27.63 -20.04
CA GLN C 26 7.17 -27.12 -18.67
C GLN C 26 6.03 -26.14 -18.43
N VAL C 27 4.81 -26.65 -18.42
CA VAL C 27 3.65 -25.80 -18.19
C VAL C 27 3.15 -25.95 -16.76
N GLY C 28 2.15 -25.15 -16.41
CA GLY C 28 1.57 -25.24 -15.09
C GLY C 28 2.42 -24.72 -13.96
N PRO C 29 1.93 -24.87 -12.72
CA PRO C 29 2.67 -24.38 -11.56
C PRO C 29 3.70 -25.35 -10.96
N TYR C 30 3.64 -26.63 -11.30
CA TYR C 30 4.56 -27.58 -10.69
C TYR C 30 5.26 -28.59 -11.58
N GLN C 31 6.55 -28.81 -11.31
CA GLN C 31 7.29 -29.83 -12.02
C GLN C 31 6.89 -31.08 -11.23
N TYR C 32 6.47 -32.12 -11.93
CA TYR C 32 6.05 -33.34 -11.24
C TYR C 32 6.82 -34.50 -11.84
N TYR C 33 7.90 -34.90 -11.18
CA TYR C 33 8.72 -36.02 -11.64
C TYR C 33 9.30 -36.87 -10.49
N ILE C 34 9.45 -36.28 -9.30
CA ILE C 34 9.97 -37.03 -8.16
C ILE C 34 8.83 -37.79 -7.48
N HIS C 35 8.50 -38.97 -8.01
CA HIS C 35 7.43 -39.79 -7.46
C HIS C 35 7.60 -41.22 -7.96
N GLY C 36 6.77 -42.13 -7.43
CA GLY C 36 6.86 -43.52 -7.81
C GLY C 36 6.17 -43.91 -9.10
N SER C 37 6.15 -45.23 -9.37
CA SER C 37 5.58 -45.79 -10.60
C SER C 37 4.06 -45.82 -10.72
N SER C 38 3.35 -45.49 -9.64
CA SER C 38 1.90 -45.50 -9.71
C SER C 38 1.36 -44.19 -10.28
N PRO C 39 0.07 -44.16 -10.63
CA PRO C 39 -0.55 -42.95 -11.18
C PRO C 39 -0.58 -41.87 -10.10
N VAL C 40 -0.75 -40.62 -10.53
CA VAL C 40 -0.75 -39.50 -9.60
C VAL C 40 -1.72 -39.59 -8.44
N SER C 41 -2.90 -40.17 -8.65
CA SER C 41 -3.88 -40.28 -7.57
C SER C 41 -3.38 -41.13 -6.41
N ALA C 42 -2.30 -41.85 -6.59
CA ALA C 42 -1.77 -42.66 -5.50
C ALA C 42 -0.91 -41.79 -4.57
N TYR C 43 -0.39 -40.67 -5.12
CA TYR C 43 0.50 -39.78 -4.38
C TYR C 43 -0.03 -38.37 -4.09
N VAL C 44 -0.82 -37.80 -4.99
CA VAL C 44 -1.35 -36.44 -4.78
C VAL C 44 -2.83 -36.36 -5.14
N ASN C 45 -3.63 -35.77 -4.25
CA ASN C 45 -5.06 -35.61 -4.46
C ASN C 45 -5.49 -34.27 -3.90
N LEU C 46 -6.37 -33.58 -4.63
CA LEU C 46 -6.84 -32.26 -4.21
C LEU C 46 -8.27 -32.27 -3.65
N SER C 47 -8.52 -31.44 -2.65
CA SER C 47 -9.86 -31.34 -2.07
C SER C 47 -9.99 -30.16 -1.14
N PRO C 48 -11.21 -29.60 -1.03
CA PRO C 48 -11.36 -28.46 -0.11
C PRO C 48 -11.19 -28.95 1.33
N ASP C 49 -11.36 -30.24 1.57
CA ASP C 49 -11.20 -30.78 2.93
C ASP C 49 -9.73 -30.98 3.29
N TYR C 50 -8.83 -30.73 2.35
CA TYR C 50 -7.41 -30.95 2.63
C TYR C 50 -6.60 -29.69 2.91
N LYS C 51 -7.31 -28.57 3.11
CA LYS C 51 -6.64 -27.29 3.36
C LYS C 51 -6.90 -26.73 4.74
N ASN C 52 -6.19 -25.66 5.08
CA ASN C 52 -6.40 -25.00 6.36
C ASN C 52 -7.72 -24.25 6.18
N PRO C 53 -8.73 -24.56 7.01
CA PRO C 53 -10.04 -23.92 6.92
C PRO C 53 -10.03 -22.40 6.81
N ALA C 54 -9.08 -21.77 7.51
CA ALA C 54 -8.99 -20.31 7.53
C ALA C 54 -8.37 -19.70 6.28
N ASP C 55 -7.72 -20.53 5.47
CA ASP C 55 -7.09 -20.07 4.24
C ASP C 55 -8.12 -19.96 3.10
N THR C 56 -8.80 -18.83 3.03
CA THR C 56 -9.79 -18.63 1.98
C THR C 56 -9.11 -18.29 0.66
N GLY C 57 -7.78 -18.23 0.67
CA GLY C 57 -7.05 -17.93 -0.55
C GLY C 57 -6.76 -19.17 -1.39
N SER C 58 -6.91 -20.34 -0.78
CA SER C 58 -6.68 -21.62 -1.48
C SER C 58 -8.02 -22.30 -1.62
N ARG C 59 -8.38 -22.65 -2.84
CA ARG C 59 -9.65 -23.30 -3.09
C ARG C 59 -9.57 -24.72 -2.54
N GLN C 60 -8.46 -25.38 -2.83
CA GLN C 60 -8.28 -26.75 -2.40
C GLN C 60 -6.95 -26.97 -1.73
N GLY C 61 -6.90 -28.00 -0.89
CA GLY C 61 -5.68 -28.37 -0.21
C GLY C 61 -5.19 -29.63 -0.91
N ALA C 62 -3.96 -30.05 -0.62
CA ALA C 62 -3.44 -31.25 -1.26
C ALA C 62 -3.01 -32.30 -0.26
N LYS C 63 -3.42 -33.54 -0.53
CA LYS C 63 -3.03 -34.65 0.32
C LYS C 63 -1.87 -35.27 -0.43
N ILE C 64 -0.74 -35.36 0.23
CA ILE C 64 0.44 -35.95 -0.38
C ILE C 64 0.67 -37.24 0.39
N THR C 65 0.78 -38.34 -0.34
CA THR C 65 0.90 -39.65 0.28
C THR C 65 2.15 -40.45 -0.08
N LEU C 66 2.66 -41.21 0.89
CA LEU C 66 3.79 -42.11 0.68
C LEU C 66 3.19 -43.50 0.88
N ASP C 67 3.28 -44.35 -0.13
CA ASP C 67 2.77 -45.72 0.03
C ASP C 67 3.91 -46.64 -0.34
N ASN C 68 3.63 -47.94 -0.51
CA ASN C 68 4.69 -48.89 -0.82
C ASN C 68 5.42 -48.66 -2.14
N THR C 69 4.81 -47.89 -3.03
CA THR C 69 5.41 -47.63 -4.33
C THR C 69 6.10 -46.26 -4.43
N ALA C 70 5.96 -45.46 -3.39
CA ALA C 70 6.54 -44.11 -3.40
C ALA C 70 8.08 -44.05 -3.38
N TYR C 71 8.71 -44.63 -4.39
CA TYR C 71 10.16 -44.65 -4.51
C TYR C 71 10.53 -44.12 -5.89
N TRP C 72 11.55 -43.28 -5.95
CA TRP C 72 11.95 -42.69 -7.21
C TRP C 72 13.36 -43.09 -7.61
N ASN C 73 13.51 -43.45 -8.89
CA ASN C 73 14.82 -43.74 -9.44
C ASN C 73 15.69 -44.68 -8.62
N GLY C 74 15.12 -45.80 -8.16
CA GLY C 74 15.89 -46.77 -7.40
C GLY C 74 16.44 -46.39 -6.04
N GLN C 75 16.02 -45.25 -5.50
CA GLN C 75 16.51 -44.78 -4.22
C GLN C 75 15.89 -45.56 -3.06
N ASN C 76 16.53 -45.53 -1.90
CA ASN C 76 15.99 -46.26 -0.77
C ASN C 76 15.10 -45.42 0.14
N MET C 77 14.91 -44.16 -0.20
CA MET C 77 14.06 -43.27 0.59
C MET C 77 12.72 -43.11 -0.11
N ARG C 78 11.64 -42.93 0.65
CA ARG C 78 10.34 -42.73 0.03
C ARG C 78 10.20 -41.24 -0.22
N ARG C 79 9.62 -40.89 -1.37
CA ARG C 79 9.47 -39.49 -1.74
C ARG C 79 8.26 -39.20 -2.61
N THR C 80 7.62 -38.07 -2.36
CA THR C 80 6.52 -37.59 -3.20
C THR C 80 6.80 -36.10 -3.11
N GLU C 81 7.37 -35.54 -4.16
CA GLU C 81 7.72 -34.12 -4.17
C GLU C 81 7.32 -33.39 -5.46
N LEU C 82 6.94 -32.12 -5.28
CA LEU C 82 6.54 -31.22 -6.35
C LEU C 82 7.52 -30.06 -6.26
N ILE C 83 7.98 -29.55 -7.40
CA ILE C 83 8.93 -28.44 -7.46
C ILE C 83 8.29 -27.31 -8.28
N PRO C 84 8.46 -26.06 -7.83
CA PRO C 84 7.87 -24.92 -8.55
C PRO C 84 8.36 -24.82 -10.00
N GLN C 85 7.43 -24.60 -10.92
CA GLN C 85 7.77 -24.42 -12.32
C GLN C 85 7.56 -22.92 -12.51
N THR C 86 8.64 -22.18 -12.70
CA THR C 86 8.49 -20.74 -12.84
C THR C 86 9.72 -20.11 -13.47
N THR C 87 9.54 -18.92 -14.02
CA THR C 87 10.64 -18.15 -14.62
C THR C 87 10.92 -16.98 -13.69
N ALA C 88 10.05 -16.79 -12.71
CA ALA C 88 10.17 -15.72 -11.73
C ALA C 88 11.47 -15.79 -10.91
N ALA C 89 11.89 -14.64 -10.38
CA ALA C 89 13.12 -14.58 -9.61
C ALA C 89 12.89 -15.01 -8.16
N ILE C 90 12.53 -16.27 -7.96
CA ILE C 90 12.25 -16.78 -6.61
C ILE C 90 13.48 -17.11 -5.79
N ASN C 91 14.66 -16.95 -6.38
CA ASN C 91 15.92 -17.23 -5.69
C ASN C 91 16.85 -16.02 -5.70
N GLN C 92 16.28 -14.82 -5.75
CA GLN C 92 17.10 -13.62 -5.77
C GLN C 92 16.64 -12.64 -4.71
N GLY C 93 17.59 -12.12 -3.95
CA GLY C 93 17.28 -11.15 -2.90
C GLY C 93 16.40 -11.69 -1.79
N LYS C 94 15.49 -10.85 -1.30
CA LYS C 94 14.57 -11.19 -0.21
C LYS C 94 13.30 -11.80 -0.71
N VAL C 95 13.10 -13.07 -0.36
CA VAL C 95 11.94 -13.82 -0.81
C VAL C 95 11.28 -14.56 0.33
N TYR C 96 9.96 -14.69 0.27
CA TYR C 96 9.23 -15.40 1.33
C TYR C 96 8.58 -16.67 0.77
N TYR C 97 8.96 -17.83 1.32
CA TYR C 97 8.39 -19.10 0.86
C TYR C 97 7.32 -19.53 1.86
N HIS C 98 6.09 -19.68 1.40
CA HIS C 98 4.95 -20.04 2.24
C HIS C 98 4.39 -21.44 2.03
N PHE C 99 3.92 -22.02 3.12
CA PHE C 99 3.22 -23.30 3.06
C PHE C 99 2.54 -23.56 4.42
N SER C 100 1.46 -24.34 4.38
CA SER C 100 0.76 -24.72 5.62
C SER C 100 0.74 -26.24 5.56
N LEU C 101 0.97 -26.86 6.71
CA LEU C 101 1.06 -28.31 6.81
C LEU C 101 0.23 -28.87 7.93
N MET C 102 -0.32 -30.07 7.75
CA MET C 102 -1.13 -30.69 8.80
C MET C 102 -1.05 -32.21 8.63
N ARG C 103 -1.08 -32.94 9.74
CA ARG C 103 -1.10 -34.41 9.72
C ARG C 103 -2.34 -34.83 10.52
N LYS C 104 -2.84 -36.02 10.24
CA LYS C 104 -3.98 -36.58 10.96
C LYS C 104 -3.45 -37.81 11.69
N ASP C 105 -4.33 -38.49 12.45
CA ASP C 105 -3.93 -39.71 13.18
C ASP C 105 -4.09 -40.93 12.27
N ILE C 106 -4.88 -40.77 11.21
CA ILE C 106 -5.04 -41.84 10.24
C ILE C 106 -3.89 -41.68 9.26
N ASN C 107 -3.16 -42.76 9.01
CA ASN C 107 -2.02 -42.73 8.11
C ASN C 107 -1.04 -41.64 8.60
N ALA C 108 -0.93 -41.53 9.92
CA ALA C 108 -0.04 -40.55 10.52
C ALA C 108 1.40 -40.79 10.16
N PRO C 109 2.17 -39.71 9.96
CA PRO C 109 3.60 -39.85 9.63
C PRO C 109 4.29 -40.69 10.70
N ALA C 110 5.19 -41.58 10.29
CA ALA C 110 5.90 -42.41 11.24
C ALA C 110 6.82 -41.57 12.13
N THR C 111 6.66 -41.71 13.44
CA THR C 111 7.51 -40.95 14.35
C THR C 111 8.84 -41.68 14.55
N THR C 112 8.95 -42.85 13.93
CA THR C 112 10.12 -43.71 14.01
C THR C 112 11.13 -43.54 12.87
N ARG C 113 10.80 -42.70 11.90
CA ARG C 113 11.73 -42.48 10.79
C ARG C 113 11.89 -41.00 10.49
N GLU C 114 13.06 -40.61 10.02
CA GLU C 114 13.29 -39.19 9.71
C GLU C 114 12.53 -38.77 8.44
N HIS C 115 11.86 -37.62 8.50
CA HIS C 115 11.19 -37.09 7.32
C HIS C 115 11.80 -35.72 7.10
N GLN C 116 12.00 -35.35 5.84
CA GLN C 116 12.53 -34.02 5.45
C GLN C 116 11.37 -33.45 4.60
N ILE C 117 10.88 -32.28 4.99
CA ILE C 117 9.71 -31.66 4.40
C ILE C 117 9.97 -30.26 3.90
N ALA C 118 9.38 -29.90 2.75
CA ALA C 118 9.54 -28.56 2.17
C ALA C 118 11.01 -28.12 2.22
N PHE C 119 11.88 -29.02 1.77
CA PHE C 119 13.32 -28.81 1.79
C PHE C 119 13.94 -28.34 0.48
N PHE C 120 15.04 -27.60 0.54
CA PHE C 120 15.74 -27.22 -0.68
C PHE C 120 16.70 -28.38 -0.98
N GLU C 121 17.05 -28.53 -2.25
CA GLU C 121 17.92 -29.62 -2.69
C GLU C 121 19.25 -29.69 -1.93
N SER C 122 19.75 -28.54 -1.46
CA SER C 122 20.98 -28.50 -0.68
C SER C 122 20.62 -28.67 0.80
N HIS C 123 19.34 -28.74 1.11
CA HIS C 123 18.86 -28.89 2.49
C HIS C 123 19.35 -27.74 3.39
N PHE C 124 19.62 -26.57 2.82
CA PHE C 124 20.08 -25.47 3.67
C PHE C 124 19.02 -25.10 4.70
N THR C 125 17.76 -25.38 4.35
CA THR C 125 16.67 -25.21 5.30
C THR C 125 15.55 -26.19 4.93
N GLU C 126 14.76 -26.56 5.92
CA GLU C 126 13.69 -27.53 5.74
C GLU C 126 13.04 -27.79 7.11
N LEU C 127 11.94 -28.53 7.10
CA LEU C 127 11.30 -28.97 8.34
C LEU C 127 11.64 -30.45 8.39
N LYS C 128 11.71 -31.00 9.60
CA LYS C 128 11.96 -32.43 9.75
C LYS C 128 10.99 -32.98 10.79
N SER C 129 10.70 -34.26 10.72
CA SER C 129 9.84 -34.87 11.73
C SER C 129 10.37 -36.28 11.92
N GLY C 130 9.95 -36.94 13.00
CA GLY C 130 10.41 -38.30 13.22
C GLY C 130 11.75 -38.39 13.90
N TRP C 131 12.14 -39.64 14.18
CA TRP C 131 13.41 -39.93 14.84
C TRP C 131 14.55 -39.60 13.89
N LEU C 132 15.53 -38.83 14.35
CA LEU C 132 16.65 -38.46 13.50
C LEU C 132 17.78 -39.43 13.67
N SER C 133 18.40 -39.78 12.55
CA SER C 133 19.51 -40.72 12.54
C SER C 133 20.58 -40.34 13.55
N GLY C 134 20.99 -41.33 14.34
CA GLY C 134 22.02 -41.09 15.34
C GLY C 134 21.48 -40.58 16.65
N ALA C 135 20.18 -40.30 16.70
CA ALA C 135 19.57 -39.81 17.94
C ALA C 135 19.29 -41.01 18.83
N PRO C 136 19.09 -40.76 20.13
CA PRO C 136 18.81 -41.88 21.04
C PRO C 136 17.31 -42.14 21.09
N GLY C 137 16.92 -43.39 21.32
CA GLY C 137 15.51 -43.69 21.39
C GLY C 137 14.90 -44.31 20.15
N ILE C 138 13.58 -44.44 20.14
CA ILE C 138 12.89 -45.07 19.03
C ILE C 138 11.93 -44.12 18.31
N SER C 139 11.29 -43.24 19.08
CA SER C 139 10.32 -42.34 18.49
C SER C 139 10.62 -40.89 18.85
N ASP C 140 10.27 -39.99 17.92
CA ASP C 140 10.46 -38.56 18.14
C ASP C 140 9.20 -37.90 17.59
N THR C 141 8.47 -37.24 18.47
CA THR C 141 7.21 -36.61 18.11
C THR C 141 7.26 -35.12 17.75
N LEU C 142 8.45 -34.58 17.59
CA LEU C 142 8.60 -33.17 17.26
C LEU C 142 8.62 -32.85 15.78
N LEU C 143 8.13 -31.67 15.43
CA LEU C 143 8.18 -31.17 14.06
C LEU C 143 9.29 -30.15 14.29
N ARG C 144 10.31 -30.17 13.45
CA ARG C 144 11.48 -29.29 13.62
C ARG C 144 11.73 -28.40 12.41
N TRP C 145 12.28 -27.20 12.64
CA TRP C 145 12.66 -26.31 11.54
C TRP C 145 14.17 -26.31 11.65
N CYS C 146 14.84 -26.65 10.56
CA CYS C 146 16.29 -26.72 10.57
C CYS C 146 16.95 -25.79 9.56
N VAL C 147 18.19 -25.44 9.87
CA VAL C 147 19.00 -24.61 8.99
C VAL C 147 20.35 -25.29 8.99
N GLY C 148 20.81 -25.67 7.79
CA GLY C 148 22.08 -26.35 7.71
C GLY C 148 22.09 -27.62 8.54
N GLY C 149 20.91 -28.20 8.75
CA GLY C 149 20.85 -29.44 9.52
C GLY C 149 20.62 -29.31 11.01
N GLN C 150 20.91 -28.12 11.56
CA GLN C 150 20.73 -27.84 12.98
C GLN C 150 19.31 -27.38 13.28
N THR C 151 18.70 -27.99 14.30
CA THR C 151 17.35 -27.63 14.69
C THR C 151 17.36 -26.24 15.36
N GLN C 152 16.59 -25.29 14.82
CA GLN C 152 16.49 -23.94 15.37
C GLN C 152 15.15 -23.70 16.07
N TRP C 153 14.18 -24.56 15.79
CA TRP C 153 12.83 -24.45 16.39
C TRP C 153 12.14 -25.78 16.32
N SER C 154 11.32 -26.09 17.31
CA SER C 154 10.60 -27.36 17.25
C SER C 154 9.33 -27.28 18.06
N VAL C 155 8.45 -28.26 17.88
CA VAL C 155 7.22 -28.29 18.64
C VAL C 155 6.59 -29.68 18.52
N GLU C 156 5.81 -30.06 19.53
CA GLU C 156 5.14 -31.37 19.48
C GLU C 156 4.18 -31.34 18.29
N TRP C 157 4.29 -32.31 17.39
CA TRP C 157 3.44 -32.31 16.22
C TRP C 157 2.13 -33.07 16.47
N ALA C 158 1.10 -32.32 16.84
CA ALA C 158 -0.23 -32.85 17.15
C ALA C 158 -1.06 -33.06 15.90
N ALA C 159 -1.96 -34.03 15.96
CA ALA C 159 -2.85 -34.32 14.84
C ALA C 159 -3.84 -33.17 14.65
N ASP C 160 -4.26 -32.96 13.41
CA ASP C 160 -5.26 -31.97 13.05
C ASP C 160 -4.91 -30.49 13.17
N VAL C 161 -3.76 -30.15 13.73
CA VAL C 161 -3.41 -28.75 13.85
C VAL C 161 -2.74 -28.25 12.57
N TRP C 162 -3.14 -27.08 12.10
CA TRP C 162 -2.50 -26.55 10.91
C TRP C 162 -1.31 -25.67 11.27
N HIS C 163 -0.17 -25.99 10.69
CA HIS C 163 1.05 -25.23 10.93
C HIS C 163 1.32 -24.43 9.67
N ASN C 164 1.29 -23.11 9.82
CA ASN C 164 1.52 -22.19 8.72
C ASN C 164 2.95 -21.68 8.88
N VAL C 165 3.67 -21.69 7.77
CA VAL C 165 5.06 -21.34 7.80
C VAL C 165 5.50 -20.44 6.68
N ALA C 166 6.50 -19.62 6.94
CA ALA C 166 7.09 -18.84 5.86
C ALA C 166 8.57 -18.80 6.16
N TYR C 167 9.40 -19.15 5.16
CA TYR C 167 10.83 -19.06 5.33
C TYR C 167 11.14 -17.66 4.78
N GLU C 168 11.86 -16.86 5.54
CA GLU C 168 12.25 -15.52 5.11
C GLU C 168 13.68 -15.72 4.64
N ILE C 169 13.84 -15.77 3.32
CA ILE C 169 15.16 -16.02 2.78
C ILE C 169 15.75 -14.82 2.06
N ASP C 170 16.96 -14.46 2.45
CA ASP C 170 17.65 -13.35 1.79
C ASP C 170 18.81 -14.02 1.08
N PHE C 171 18.62 -14.32 -0.19
CA PHE C 171 19.65 -14.97 -0.97
C PHE C 171 20.90 -14.11 -1.16
N ALA C 172 20.72 -12.79 -1.11
CA ALA C 172 21.87 -11.90 -1.24
C ALA C 172 22.72 -12.05 0.02
N ALA C 173 22.07 -11.89 1.18
CA ALA C 173 22.74 -11.98 2.47
C ALA C 173 23.07 -13.38 3.00
N GLY C 174 22.48 -14.43 2.42
CA GLY C 174 22.77 -15.78 2.90
C GLY C 174 22.17 -16.11 4.26
N THR C 175 20.94 -15.65 4.49
CA THR C 175 20.27 -15.90 5.78
C THR C 175 18.85 -16.42 5.59
N VAL C 176 18.34 -17.13 6.61
CA VAL C 176 16.97 -17.63 6.56
C VAL C 176 16.31 -17.40 7.92
N GLY C 177 15.11 -16.82 7.92
CA GLY C 177 14.37 -16.54 9.15
C GLY C 177 13.14 -17.43 9.13
N PHE C 178 12.52 -17.64 10.29
CA PHE C 178 11.38 -18.54 10.38
C PHE C 178 10.11 -17.88 10.95
N TRP C 179 9.05 -17.85 10.16
CA TRP C 179 7.79 -17.27 10.60
C TRP C 179 6.82 -18.44 10.73
N HIS C 180 5.96 -18.41 11.74
CA HIS C 180 5.07 -19.55 11.97
C HIS C 180 3.85 -19.17 12.80
N SER C 181 2.83 -20.01 12.71
CA SER C 181 1.63 -19.85 13.51
C SER C 181 0.84 -21.13 13.35
N THR C 182 -0.10 -21.35 14.26
CA THR C 182 -0.99 -22.49 14.12
C THR C 182 -2.40 -21.95 13.92
N GLY C 183 -3.19 -22.72 13.19
CA GLY C 183 -4.58 -22.35 12.96
C GLY C 183 -4.80 -21.14 12.08
N SER C 184 -5.54 -20.18 12.60
CA SER C 184 -5.85 -19.00 11.83
C SER C 184 -5.07 -17.77 12.29
N ASP C 185 -4.18 -17.94 13.26
CA ASP C 185 -3.40 -16.80 13.73
C ASP C 185 -2.38 -16.37 12.67
N PRO C 186 -2.07 -15.06 12.64
CA PRO C 186 -1.11 -14.55 11.66
C PRO C 186 0.29 -15.07 11.97
N LEU C 187 1.11 -15.20 10.93
CA LEU C 187 2.49 -15.65 11.11
C LEU C 187 3.25 -14.64 11.95
N THR C 188 4.10 -15.12 12.85
CA THR C 188 4.96 -14.27 13.66
C THR C 188 6.36 -14.84 13.56
N ARG C 189 7.37 -13.98 13.66
CA ARG C 189 8.74 -14.46 13.55
C ARG C 189 9.18 -15.16 14.81
N LYS C 190 9.56 -16.43 14.66
CA LYS C 190 9.98 -17.27 15.78
C LYS C 190 11.49 -17.32 15.94
N VAL C 191 12.21 -17.21 14.82
CA VAL C 191 13.67 -17.22 14.84
C VAL C 191 14.18 -16.15 13.87
N ALA C 192 15.06 -15.28 14.35
CA ALA C 192 15.63 -14.22 13.52
C ALA C 192 16.55 -14.86 12.48
N PRO C 193 16.78 -14.20 11.32
CA PRO C 193 17.65 -14.74 10.27
C PRO C 193 18.95 -15.41 10.72
N VAL C 194 19.11 -16.65 10.26
CA VAL C 194 20.24 -17.53 10.59
C VAL C 194 21.10 -17.64 9.34
N LYS C 195 22.41 -17.44 9.50
CA LYS C 195 23.35 -17.53 8.38
C LYS C 195 23.61 -18.95 7.93
N THR C 196 23.63 -19.17 6.62
CA THR C 196 23.92 -20.49 6.05
C THR C 196 24.17 -20.37 4.55
N SER C 197 24.60 -21.45 3.90
CA SER C 197 24.81 -21.39 2.45
C SER C 197 23.46 -21.52 1.78
N THR C 198 22.97 -20.43 1.21
CA THR C 198 21.67 -20.40 0.55
C THR C 198 21.70 -20.54 -0.97
N SER C 199 22.64 -21.31 -1.51
CA SER C 199 22.71 -21.48 -2.95
C SER C 199 21.45 -22.22 -3.45
N SER C 200 20.88 -21.72 -4.53
CA SER C 200 19.68 -22.32 -5.11
C SER C 200 19.56 -21.86 -6.57
N ASN C 201 19.28 -22.79 -7.47
CA ASN C 201 19.13 -22.47 -8.89
C ASN C 201 17.70 -22.12 -9.27
N GLY C 202 16.83 -22.03 -8.27
CA GLY C 202 15.45 -21.66 -8.52
C GLY C 202 14.52 -22.79 -8.95
N ALA C 203 15.05 -24.00 -9.10
CA ALA C 203 14.21 -25.13 -9.49
C ALA C 203 14.63 -26.24 -8.56
N ASP C 204 14.65 -25.93 -7.27
CA ASP C 204 15.12 -26.89 -6.30
C ASP C 204 14.46 -26.85 -4.92
N TRP C 205 13.25 -26.30 -4.83
CA TRP C 205 12.53 -26.32 -3.55
C TRP C 205 11.56 -27.51 -3.67
N HIS C 206 11.69 -28.49 -2.77
CA HIS C 206 10.84 -29.67 -2.85
C HIS C 206 9.66 -29.59 -1.90
N VAL C 207 8.50 -29.31 -2.47
CA VAL C 207 7.26 -29.20 -1.74
C VAL C 207 6.69 -30.62 -1.67
N GLY C 208 6.91 -31.27 -0.54
CA GLY C 208 6.48 -32.65 -0.40
C GLY C 208 7.29 -33.27 0.70
N VAL C 209 7.45 -34.59 0.65
CA VAL C 209 8.13 -35.26 1.74
C VAL C 209 9.10 -36.33 1.30
N LEU C 210 10.17 -36.45 2.05
CA LEU C 210 11.17 -37.49 1.80
C LEU C 210 11.25 -38.23 3.13
N GLU C 211 11.28 -39.57 3.09
CA GLU C 211 11.35 -40.34 4.33
C GLU C 211 12.50 -41.35 4.25
N LEU C 212 13.41 -41.30 5.21
CA LEU C 212 14.56 -42.21 5.23
C LEU C 212 14.15 -43.58 5.73
N PRO C 213 14.81 -44.64 5.25
CA PRO C 213 14.44 -45.98 5.71
C PRO C 213 15.06 -46.24 7.08
N ARG C 214 14.55 -47.24 7.80
CA ARG C 214 15.13 -47.60 9.08
C ARG C 214 14.87 -49.09 9.23
N SER C 215 15.95 -49.86 9.30
CA SER C 215 15.83 -51.31 9.45
C SER C 215 14.95 -51.73 10.62
N GLY C 216 13.93 -52.51 10.31
CA GLY C 216 13.03 -52.99 11.34
C GLY C 216 11.70 -52.27 11.35
N TYR C 217 11.59 -51.24 10.52
CA TYR C 217 10.36 -50.45 10.46
C TYR C 217 9.82 -50.45 9.04
N PRO C 218 8.91 -51.39 8.74
CA PRO C 218 8.33 -51.48 7.40
C PRO C 218 7.46 -50.29 6.99
N ASP C 219 7.23 -50.18 5.69
CA ASP C 219 6.40 -49.12 5.13
C ASP C 219 4.91 -49.23 5.42
N SER C 220 4.32 -48.12 5.83
CA SER C 220 2.89 -48.01 6.05
C SER C 220 2.51 -46.71 5.37
N ASN C 221 1.28 -46.62 4.90
CA ASN C 221 0.85 -45.41 4.22
C ASN C 221 0.88 -44.20 5.14
N GLU C 222 1.44 -43.11 4.63
CA GLU C 222 1.54 -41.89 5.38
C GLU C 222 0.96 -40.73 4.57
N ASP C 223 0.02 -39.97 5.18
CA ASP C 223 -0.57 -38.83 4.49
C ASP C 223 -0.11 -37.51 5.13
N PHE C 224 0.09 -36.49 4.28
CA PHE C 224 0.53 -35.16 4.70
C PHE C 224 -0.40 -34.18 3.99
N TYR C 225 -0.97 -33.24 4.72
CA TYR C 225 -1.91 -32.28 4.15
C TYR C 225 -1.26 -30.91 3.98
N TRP C 226 -1.47 -30.30 2.81
CA TRP C 226 -0.87 -29.01 2.45
C TRP C 226 -1.82 -27.99 1.85
N SER C 227 -1.51 -26.71 2.02
CA SER C 227 -2.31 -25.67 1.41
C SER C 227 -1.51 -24.38 1.54
N GLY C 228 -1.95 -23.34 0.84
CA GLY C 228 -1.25 -22.07 0.95
C GLY C 228 0.21 -22.08 0.56
N VAL C 229 0.55 -22.80 -0.50
CA VAL C 229 1.93 -22.84 -0.92
C VAL C 229 2.13 -21.79 -2.00
N TYR C 230 3.02 -20.84 -1.74
CA TYR C 230 3.31 -19.79 -2.71
C TYR C 230 4.56 -19.03 -2.31
N ILE C 231 5.11 -18.26 -3.24
CA ILE C 231 6.32 -17.50 -2.98
C ILE C 231 6.05 -16.04 -3.33
N GLU C 232 6.50 -15.13 -2.47
CA GLU C 232 6.27 -13.70 -2.72
C GLU C 232 7.50 -12.86 -2.43
N SER C 233 7.49 -11.62 -2.93
CA SER C 233 8.60 -10.70 -2.68
C SER C 233 7.95 -9.42 -2.17
N GLY C 234 8.76 -8.47 -1.76
CA GLY C 234 8.23 -7.24 -1.25
C GLY C 234 8.14 -7.37 0.26
N SER C 235 6.93 -7.32 0.78
CA SER C 235 6.74 -7.46 2.20
C SER C 235 6.18 -8.85 2.45
N LEU C 236 6.18 -9.28 3.70
CA LEU C 236 5.65 -10.58 4.02
C LEU C 236 4.17 -10.52 4.36
N THR C 237 3.39 -11.40 3.72
CA THR C 237 1.97 -11.50 4.00
C THR C 237 1.90 -12.42 5.23
N THR C 238 1.43 -11.90 6.36
CA THR C 238 1.35 -12.69 7.58
C THR C 238 0.02 -13.40 7.73
N SER C 239 -0.99 -12.95 6.98
CA SER C 239 -2.31 -13.57 7.01
C SER C 239 -2.29 -14.96 6.38
N VAL C 240 -2.93 -15.91 7.04
CA VAL C 240 -3.02 -17.28 6.57
C VAL C 240 -3.86 -17.38 5.29
N ALA C 241 -4.72 -16.38 5.06
CA ALA C 241 -5.57 -16.38 3.87
C ALA C 241 -4.84 -15.93 2.61
N GLY C 242 -3.61 -15.46 2.76
CA GLY C 242 -2.83 -15.01 1.62
C GLY C 242 -3.10 -13.56 1.26
N GLY D 1 -13.36 9.22 -19.99
CA GLY D 1 -14.26 10.09 -19.14
C GLY D 1 -14.03 9.85 -17.66
N THR D 2 -15.11 9.75 -16.88
CA THR D 2 -14.99 9.50 -15.45
C THR D 2 -16.04 8.48 -14.98
N ILE D 3 -15.58 7.43 -14.29
CA ILE D 3 -16.49 6.43 -13.77
C ILE D 3 -17.15 6.91 -12.48
N LEU D 4 -18.47 6.87 -12.43
CA LEU D 4 -19.21 7.28 -11.24
C LEU D 4 -19.49 6.14 -10.29
N TRP D 5 -19.66 4.96 -10.86
CA TRP D 5 -19.95 3.74 -10.12
C TRP D 5 -19.42 2.56 -10.92
N ASP D 6 -18.76 1.64 -10.23
CA ASP D 6 -18.12 0.51 -10.88
C ASP D 6 -18.73 -0.80 -10.43
N GLY D 7 -19.38 -1.51 -11.36
CA GLY D 7 -20.03 -2.77 -11.04
C GLY D 7 -19.34 -3.96 -11.71
N ARG D 8 -18.05 -3.81 -11.99
CA ARG D 8 -17.33 -4.87 -12.66
C ARG D 8 -16.88 -6.00 -11.75
N PHE D 9 -17.16 -5.86 -10.45
CA PHE D 9 -16.82 -6.88 -9.44
C PHE D 9 -15.32 -6.99 -9.17
N ASN D 10 -14.52 -6.02 -9.61
CA ASN D 10 -13.08 -6.16 -9.39
C ASN D 10 -12.70 -6.13 -7.92
N ASP D 11 -13.66 -5.74 -7.08
CA ASP D 11 -13.49 -5.66 -5.64
C ASP D 11 -13.95 -6.93 -4.92
N MET D 12 -14.25 -7.99 -5.68
CA MET D 12 -14.74 -9.23 -5.09
C MET D 12 -14.09 -10.47 -5.68
N THR D 13 -13.77 -11.45 -4.83
CA THR D 13 -13.17 -12.68 -5.33
C THR D 13 -14.24 -13.73 -5.66
N SER D 14 -15.39 -13.64 -4.99
CA SER D 14 -16.48 -14.57 -5.25
C SER D 14 -17.82 -13.83 -5.08
N SER D 15 -18.91 -14.44 -5.52
CA SER D 15 -20.22 -13.81 -5.39
C SER D 15 -20.67 -13.78 -3.92
N ALA D 16 -19.98 -14.54 -3.07
CA ALA D 16 -20.33 -14.56 -1.66
C ALA D 16 -20.21 -13.16 -1.05
N ASP D 17 -19.34 -12.33 -1.60
CA ASP D 17 -19.17 -10.99 -1.08
C ASP D 17 -20.45 -10.17 -1.16
N LEU D 18 -21.40 -10.65 -1.97
CA LEU D 18 -22.67 -9.95 -2.14
C LEU D 18 -23.48 -10.05 -0.86
N ASN D 19 -23.17 -11.08 -0.07
CA ASN D 19 -23.83 -11.33 1.22
C ASN D 19 -23.44 -10.30 2.26
N LYS D 20 -22.41 -9.50 1.96
CA LYS D 20 -21.96 -8.49 2.91
C LYS D 20 -22.94 -7.32 2.94
N TRP D 21 -23.71 -7.16 1.86
CA TRP D 21 -24.67 -6.08 1.79
C TRP D 21 -25.96 -6.40 2.54
N SER D 22 -26.51 -5.39 3.21
CA SER D 22 -27.76 -5.49 3.95
C SER D 22 -28.33 -4.08 4.01
N TRP D 23 -29.63 -3.96 4.23
CA TRP D 23 -30.24 -2.65 4.32
C TRP D 23 -29.62 -1.87 5.47
N GLY D 24 -29.25 -2.59 6.53
CA GLY D 24 -28.65 -1.94 7.69
C GLY D 24 -27.15 -1.73 7.61
N ASN D 25 -26.55 -2.17 6.51
CA ASN D 25 -25.10 -2.03 6.29
C ASN D 25 -24.91 -2.11 4.78
N GLN D 26 -25.21 -1.00 4.11
CA GLN D 26 -25.15 -0.92 2.65
C GLN D 26 -23.73 -0.77 2.15
N VAL D 27 -22.98 -1.85 2.26
CA VAL D 27 -21.59 -1.86 1.85
C VAL D 27 -21.40 -2.46 0.46
N GLY D 28 -20.30 -2.08 -0.18
CA GLY D 28 -20.00 -2.64 -1.48
C GLY D 28 -20.70 -1.94 -2.62
N PRO D 29 -20.46 -2.39 -3.85
CA PRO D 29 -21.07 -1.77 -5.02
C PRO D 29 -22.48 -2.21 -5.44
N TYR D 30 -23.02 -3.28 -4.86
CA TYR D 30 -24.34 -3.77 -5.26
C TYR D 30 -25.31 -4.09 -4.15
N GLN D 31 -26.56 -3.72 -4.36
CA GLN D 31 -27.60 -4.06 -3.42
C GLN D 31 -27.99 -5.46 -3.90
N TYR D 32 -28.03 -6.42 -2.99
CA TYR D 32 -28.39 -7.77 -3.37
C TYR D 32 -29.54 -8.21 -2.51
N TYR D 33 -30.75 -8.12 -3.04
CA TYR D 33 -31.93 -8.52 -2.27
C TYR D 33 -33.05 -9.03 -3.14
N ILE D 34 -32.96 -8.79 -4.45
CA ILE D 34 -33.98 -9.30 -5.34
C ILE D 34 -33.51 -10.63 -5.88
N HIS D 35 -33.85 -11.68 -5.14
CA HIS D 35 -33.45 -13.03 -5.50
C HIS D 35 -34.28 -14.03 -4.72
N GLY D 36 -34.18 -15.31 -5.11
CA GLY D 36 -34.91 -16.37 -4.45
C GLY D 36 -34.38 -16.76 -3.09
N SER D 37 -34.97 -17.81 -2.50
CA SER D 37 -34.58 -18.26 -1.16
C SER D 37 -33.32 -19.11 -1.06
N SER D 38 -32.71 -19.47 -2.19
CA SER D 38 -31.50 -20.28 -2.15
C SER D 38 -30.25 -19.44 -1.93
N PRO D 39 -29.11 -20.11 -1.66
CA PRO D 39 -27.84 -19.41 -1.44
C PRO D 39 -27.46 -18.64 -2.70
N VAL D 40 -26.63 -17.60 -2.53
CA VAL D 40 -26.22 -16.77 -3.65
C VAL D 40 -25.59 -17.57 -4.79
N SER D 41 -24.85 -18.63 -4.47
CA SER D 41 -24.24 -19.44 -5.51
C SER D 41 -25.25 -20.11 -6.47
N ALA D 42 -26.53 -20.12 -6.13
CA ALA D 42 -27.52 -20.71 -7.01
C ALA D 42 -27.94 -19.72 -8.10
N TYR D 43 -27.69 -18.44 -7.84
CA TYR D 43 -28.10 -17.37 -8.76
C TYR D 43 -26.98 -16.51 -9.37
N VAL D 44 -25.89 -16.35 -8.66
CA VAL D 44 -24.78 -15.52 -9.13
C VAL D 44 -23.41 -16.12 -8.82
N ASN D 45 -22.59 -16.25 -9.87
CA ASN D 45 -21.24 -16.79 -9.75
C ASN D 45 -20.27 -16.03 -10.63
N LEU D 46 -19.09 -15.73 -10.09
CA LEU D 46 -18.08 -14.98 -10.83
C LEU D 46 -17.00 -15.91 -11.36
N SER D 47 -16.43 -15.54 -12.50
CA SER D 47 -15.36 -16.32 -13.12
C SER D 47 -14.77 -15.56 -14.30
N PRO D 48 -13.47 -15.77 -14.57
CA PRO D 48 -12.85 -15.08 -15.72
C PRO D 48 -13.43 -15.66 -17.01
N ASP D 49 -13.96 -16.87 -16.92
CA ASP D 49 -14.54 -17.51 -18.09
C ASP D 49 -15.94 -16.98 -18.39
N TYR D 50 -16.46 -16.14 -17.50
CA TYR D 50 -17.81 -15.61 -17.68
C TYR D 50 -17.85 -14.18 -18.22
N LYS D 51 -16.72 -13.67 -18.67
CA LYS D 51 -16.66 -12.31 -19.17
C LYS D 51 -16.36 -12.23 -20.64
N ASN D 52 -16.49 -11.02 -21.19
CA ASN D 52 -16.15 -10.80 -22.59
C ASN D 52 -14.62 -10.91 -22.55
N PRO D 53 -14.04 -11.86 -23.30
CA PRO D 53 -12.58 -12.00 -23.30
C PRO D 53 -11.82 -10.74 -23.67
N ALA D 54 -12.44 -9.85 -24.44
CA ALA D 54 -11.80 -8.62 -24.85
C ALA D 54 -11.79 -7.52 -23.76
N ASP D 55 -12.58 -7.71 -22.70
CA ASP D 55 -12.65 -6.73 -21.62
C ASP D 55 -11.58 -6.93 -20.56
N THR D 56 -10.41 -6.30 -20.77
CA THR D 56 -9.30 -6.41 -19.83
C THR D 56 -9.56 -5.68 -18.53
N GLY D 57 -10.49 -4.73 -18.55
CA GLY D 57 -10.81 -3.95 -17.36
C GLY D 57 -11.62 -4.72 -16.31
N SER D 58 -12.18 -5.86 -16.70
CA SER D 58 -12.96 -6.69 -15.77
C SER D 58 -12.22 -8.00 -15.49
N ARG D 59 -11.84 -8.23 -14.24
CA ARG D 59 -11.12 -9.46 -13.89
C ARG D 59 -12.01 -10.67 -14.08
N GLN D 60 -13.27 -10.56 -13.65
CA GLN D 60 -14.21 -11.65 -13.77
C GLN D 60 -15.56 -11.19 -14.34
N GLY D 61 -16.28 -12.16 -14.89
CA GLY D 61 -17.61 -11.91 -15.41
C GLY D 61 -18.54 -12.59 -14.43
N ALA D 62 -19.85 -12.35 -14.55
CA ALA D 62 -20.81 -12.96 -13.65
C ALA D 62 -21.82 -13.79 -14.42
N LYS D 63 -22.06 -15.00 -13.93
CA LYS D 63 -23.07 -15.84 -14.53
C LYS D 63 -24.29 -15.59 -13.64
N ILE D 64 -25.38 -15.11 -14.23
CA ILE D 64 -26.60 -14.84 -13.49
C ILE D 64 -27.60 -15.88 -13.93
N THR D 65 -28.12 -16.62 -12.95
CA THR D 65 -29.03 -17.75 -13.20
C THR D 65 -30.44 -17.64 -12.65
N LEU D 66 -31.38 -18.17 -13.43
CA LEU D 66 -32.78 -18.26 -13.04
C LEU D 66 -33.11 -19.76 -12.94
N ASP D 67 -33.42 -20.25 -11.75
CA ASP D 67 -33.81 -21.66 -11.63
C ASP D 67 -35.22 -21.74 -11.06
N ASN D 68 -35.63 -22.90 -10.58
CA ASN D 68 -36.98 -23.04 -10.03
C ASN D 68 -37.23 -22.23 -8.76
N THR D 69 -36.18 -21.82 -8.07
CA THR D 69 -36.34 -21.06 -6.83
C THR D 69 -36.19 -19.54 -6.97
N ALA D 70 -35.80 -19.09 -8.16
CA ALA D 70 -35.57 -17.66 -8.42
C ALA D 70 -36.83 -16.80 -8.45
N TYR D 71 -37.56 -16.77 -7.34
CA TYR D 71 -38.78 -15.96 -7.22
C TYR D 71 -38.61 -15.19 -5.94
N TRP D 72 -38.75 -13.88 -6.02
CA TRP D 72 -38.57 -13.03 -4.85
C TRP D 72 -39.85 -12.64 -4.15
N ASN D 73 -39.90 -12.82 -2.84
CA ASN D 73 -41.06 -12.37 -2.07
C ASN D 73 -42.42 -12.88 -2.58
N GLY D 74 -42.48 -14.10 -3.07
CA GLY D 74 -43.76 -14.65 -3.53
C GLY D 74 -44.33 -14.12 -4.83
N GLN D 75 -43.49 -13.45 -5.62
CA GLN D 75 -43.92 -12.92 -6.91
C GLN D 75 -44.00 -14.04 -7.95
N ASN D 76 -44.66 -13.78 -9.06
CA ASN D 76 -44.81 -14.76 -10.13
C ASN D 76 -43.80 -14.62 -11.28
N MET D 77 -42.91 -13.62 -11.21
CA MET D 77 -41.88 -13.47 -12.25
C MET D 77 -40.58 -13.98 -11.66
N ARG D 78 -39.74 -14.58 -12.50
CA ARG D 78 -38.46 -15.07 -12.03
C ARG D 78 -37.51 -13.90 -12.08
N ARG D 79 -36.67 -13.77 -11.06
CA ARG D 79 -35.74 -12.64 -11.01
C ARG D 79 -34.44 -12.90 -10.27
N THR D 80 -33.35 -12.38 -10.82
CA THR D 80 -32.06 -12.41 -10.15
C THR D 80 -31.56 -11.04 -10.59
N GLU D 81 -31.57 -10.08 -9.68
CA GLU D 81 -31.18 -8.72 -10.03
C GLU D 81 -30.27 -8.09 -8.99
N LEU D 82 -29.33 -7.28 -9.46
CA LEU D 82 -28.39 -6.56 -8.60
C LEU D 82 -28.68 -5.10 -8.92
N ILE D 83 -28.59 -4.24 -7.93
CA ILE D 83 -28.86 -2.82 -8.14
C ILE D 83 -27.65 -2.06 -7.60
N PRO D 84 -27.19 -1.02 -8.32
CA PRO D 84 -26.03 -0.28 -7.83
C PRO D 84 -26.22 0.27 -6.41
N GLN D 85 -25.19 0.15 -5.59
CA GLN D 85 -25.17 0.73 -4.23
C GLN D 85 -24.19 1.89 -4.42
N THR D 86 -24.69 3.12 -4.42
CA THR D 86 -23.81 4.26 -4.66
C THR D 86 -24.37 5.57 -4.09
N THR D 87 -23.48 6.54 -3.92
CA THR D 87 -23.91 7.87 -3.48
C THR D 87 -23.64 8.83 -4.67
N ALA D 88 -23.10 8.31 -5.77
CA ALA D 88 -22.86 9.13 -6.95
C ALA D 88 -24.20 9.49 -7.64
N ALA D 89 -24.24 10.62 -8.33
CA ALA D 89 -25.47 11.06 -9.01
C ALA D 89 -25.62 10.41 -10.37
N ILE D 90 -25.80 9.09 -10.36
CA ILE D 90 -25.95 8.35 -11.59
C ILE D 90 -27.30 8.57 -12.26
N ASN D 91 -28.13 9.41 -11.62
CA ASN D 91 -29.46 9.73 -12.14
C ASN D 91 -29.62 11.21 -12.47
N GLN D 92 -28.51 11.90 -12.70
CA GLN D 92 -28.54 13.33 -13.02
C GLN D 92 -27.60 13.65 -14.17
N GLY D 93 -27.97 14.63 -14.98
CA GLY D 93 -27.15 15.06 -16.08
C GLY D 93 -27.00 14.02 -17.18
N LYS D 94 -25.89 14.10 -17.90
CA LYS D 94 -25.58 13.16 -18.99
C LYS D 94 -24.74 12.03 -18.41
N VAL D 95 -25.23 10.79 -18.52
CA VAL D 95 -24.47 9.65 -18.00
C VAL D 95 -24.53 8.48 -18.99
N TYR D 96 -23.56 7.57 -18.92
CA TYR D 96 -23.54 6.42 -19.81
C TYR D 96 -23.57 5.15 -18.96
N TYR D 97 -24.54 4.28 -19.21
CA TYR D 97 -24.70 3.03 -18.49
C TYR D 97 -24.14 1.92 -19.36
N HIS D 98 -23.05 1.26 -18.91
CA HIS D 98 -22.41 0.20 -19.69
C HIS D 98 -22.70 -1.21 -19.15
N PHE D 99 -22.70 -2.16 -20.06
CA PHE D 99 -22.79 -3.58 -19.68
C PHE D 99 -22.58 -4.44 -20.92
N SER D 100 -22.10 -5.67 -20.72
CA SER D 100 -21.88 -6.59 -21.82
C SER D 100 -22.68 -7.83 -21.41
N LEU D 101 -23.31 -8.44 -22.39
CA LEU D 101 -24.20 -9.57 -22.14
C LEU D 101 -23.99 -10.68 -23.16
N MET D 102 -24.11 -11.93 -22.69
CA MET D 102 -23.92 -13.06 -23.59
C MET D 102 -24.75 -14.23 -23.10
N ARG D 103 -25.26 -15.03 -24.04
CA ARG D 103 -26.04 -16.22 -23.70
C ARG D 103 -25.36 -17.44 -24.37
N LYS D 104 -25.58 -18.61 -23.81
CA LYS D 104 -24.99 -19.82 -24.39
C LYS D 104 -26.13 -20.70 -24.86
N ASP D 105 -25.82 -21.85 -25.44
CA ASP D 105 -26.88 -22.74 -25.87
C ASP D 105 -27.29 -23.62 -24.71
N ILE D 106 -26.39 -23.74 -23.74
CA ILE D 106 -26.64 -24.51 -22.52
C ILE D 106 -27.41 -23.54 -21.61
N ASN D 107 -28.47 -24.05 -20.99
CA ASN D 107 -29.32 -23.22 -20.14
C ASN D 107 -29.56 -21.88 -20.80
N ALA D 108 -29.94 -21.96 -22.06
CA ALA D 108 -30.20 -20.77 -22.84
C ALA D 108 -31.49 -20.15 -22.33
N PRO D 109 -31.63 -18.83 -22.52
CA PRO D 109 -32.80 -18.04 -22.12
C PRO D 109 -34.01 -18.50 -22.94
N ALA D 110 -35.13 -18.71 -22.27
CA ALA D 110 -36.34 -19.16 -22.95
C ALA D 110 -36.76 -18.23 -24.05
N THR D 111 -36.93 -18.76 -25.25
CA THR D 111 -37.37 -17.94 -26.36
C THR D 111 -38.88 -17.78 -26.28
N THR D 112 -39.49 -18.54 -25.37
CA THR D 112 -40.96 -18.52 -25.21
C THR D 112 -41.53 -17.53 -24.18
N ARG D 113 -40.66 -16.86 -23.44
CA ARG D 113 -41.14 -15.90 -22.44
C ARG D 113 -40.42 -14.56 -22.50
N GLU D 114 -41.12 -13.51 -22.14
CA GLU D 114 -40.53 -12.17 -22.15
C GLU D 114 -39.55 -11.99 -21.01
N HIS D 115 -38.37 -11.46 -21.34
CA HIS D 115 -37.35 -11.17 -20.38
C HIS D 115 -37.12 -9.67 -20.46
N GLN D 116 -36.90 -9.06 -19.30
CA GLN D 116 -36.60 -7.64 -19.21
C GLN D 116 -35.20 -7.66 -18.61
N ILE D 117 -34.27 -6.97 -19.28
CA ILE D 117 -32.86 -7.04 -18.92
C ILE D 117 -32.21 -5.67 -18.78
N ALA D 118 -31.45 -5.46 -17.69
CA ALA D 118 -30.75 -4.19 -17.48
C ALA D 118 -31.78 -3.07 -17.60
N PHE D 119 -32.87 -3.22 -16.88
CA PHE D 119 -33.97 -2.27 -16.96
C PHE D 119 -34.11 -1.37 -15.74
N PHE D 120 -34.63 -0.18 -15.97
CA PHE D 120 -34.90 0.73 -14.87
C PHE D 120 -36.30 0.40 -14.39
N GLU D 121 -36.58 0.61 -13.10
CA GLU D 121 -37.90 0.29 -12.55
C GLU D 121 -39.08 0.95 -13.27
N SER D 122 -38.88 2.12 -13.86
CA SER D 122 -39.96 2.79 -14.61
C SER D 122 -40.01 2.23 -16.04
N HIS D 123 -38.98 1.49 -16.42
CA HIS D 123 -38.90 0.90 -17.75
C HIS D 123 -38.77 1.94 -18.84
N PHE D 124 -38.19 3.11 -18.52
CA PHE D 124 -38.04 4.12 -19.57
C PHE D 124 -37.07 3.58 -20.63
N THR D 125 -36.20 2.67 -20.22
CA THR D 125 -35.32 1.99 -21.16
C THR D 125 -34.88 0.66 -20.56
N GLU D 126 -34.54 -0.25 -21.45
CA GLU D 126 -34.19 -1.61 -21.07
C GLU D 126 -33.94 -2.44 -22.32
N LEU D 127 -33.49 -3.67 -22.14
CA LEU D 127 -33.35 -4.61 -23.24
C LEU D 127 -34.44 -5.62 -22.93
N LYS D 128 -34.98 -6.25 -23.98
CA LYS D 128 -35.95 -7.32 -23.80
C LYS D 128 -35.53 -8.47 -24.69
N SER D 129 -35.88 -9.69 -24.30
CA SER D 129 -35.57 -10.85 -25.14
C SER D 129 -36.74 -11.82 -25.02
N GLY D 130 -36.78 -12.76 -25.95
CA GLY D 130 -37.84 -13.74 -25.94
C GLY D 130 -39.14 -13.23 -26.47
N TRP D 131 -40.10 -14.14 -26.45
CA TRP D 131 -41.45 -13.87 -26.90
C TRP D 131 -42.00 -12.69 -26.09
N LEU D 132 -42.57 -11.69 -26.76
CA LEU D 132 -43.10 -10.56 -26.02
C LEU D 132 -44.52 -10.90 -25.59
N SER D 133 -44.85 -10.61 -24.33
CA SER D 133 -46.17 -10.91 -23.79
C SER D 133 -47.30 -10.43 -24.69
N GLY D 134 -48.11 -11.39 -25.16
CA GLY D 134 -49.21 -11.05 -26.05
C GLY D 134 -49.02 -11.74 -27.39
N ALA D 135 -47.80 -12.22 -27.61
CA ALA D 135 -47.47 -12.96 -28.84
C ALA D 135 -47.83 -12.14 -30.05
N PRO D 136 -48.27 -12.76 -31.18
CA PRO D 136 -48.57 -14.08 -31.76
C PRO D 136 -47.87 -15.40 -31.43
N GLY D 137 -46.84 -15.74 -32.20
CA GLY D 137 -46.13 -17.00 -32.05
C GLY D 137 -45.79 -17.65 -30.72
N ILE D 138 -44.94 -18.66 -30.80
CA ILE D 138 -44.51 -19.38 -29.60
C ILE D 138 -43.10 -18.94 -29.19
N SER D 139 -42.28 -18.60 -30.18
CA SER D 139 -40.89 -18.19 -29.95
C SER D 139 -40.54 -16.85 -30.59
N ASP D 140 -39.44 -16.27 -30.12
CA ASP D 140 -38.93 -15.00 -30.63
C ASP D 140 -37.46 -15.01 -30.23
N THR D 141 -36.57 -14.99 -31.23
CA THR D 141 -35.13 -15.06 -30.98
C THR D 141 -34.37 -13.75 -31.00
N LEU D 142 -35.10 -12.63 -30.99
CA LEU D 142 -34.49 -11.31 -31.00
C LEU D 142 -34.13 -10.75 -29.61
N LEU D 143 -33.10 -9.91 -29.60
CA LEU D 143 -32.64 -9.18 -28.41
C LEU D 143 -33.04 -7.77 -28.85
N ARG D 144 -33.80 -7.07 -28.02
CA ARG D 144 -34.29 -5.75 -28.39
C ARG D 144 -33.89 -4.64 -27.43
N TRP D 145 -33.70 -3.43 -27.95
CA TRP D 145 -33.43 -2.30 -27.08
C TRP D 145 -34.73 -1.50 -27.12
N CYS D 146 -35.33 -1.27 -25.96
CA CYS D 146 -36.62 -0.57 -25.87
C CYS D 146 -36.57 0.75 -25.14
N VAL D 147 -37.43 1.69 -25.55
CA VAL D 147 -37.52 2.98 -24.88
C VAL D 147 -39.02 3.17 -24.63
N GLY D 148 -39.40 3.32 -23.37
CA GLY D 148 -40.81 3.47 -23.05
C GLY D 148 -41.62 2.26 -23.49
N GLY D 149 -41.01 1.08 -23.42
CA GLY D 149 -41.68 -0.15 -23.79
C GLY D 149 -41.77 -0.44 -25.28
N GLN D 150 -41.22 0.43 -26.10
CA GLN D 150 -41.26 0.27 -27.56
C GLN D 150 -39.88 -0.07 -28.11
N THR D 151 -39.79 -1.14 -28.88
CA THR D 151 -38.54 -1.56 -29.51
C THR D 151 -38.03 -0.47 -30.47
N GLN D 152 -36.76 -0.10 -30.35
CA GLN D 152 -36.17 0.91 -31.21
C GLN D 152 -35.02 0.29 -32.00
N TRP D 153 -34.63 -0.92 -31.62
CA TRP D 153 -33.52 -1.61 -32.26
C TRP D 153 -33.58 -3.07 -31.81
N SER D 154 -33.16 -3.98 -32.68
CA SER D 154 -33.14 -5.39 -32.34
C SER D 154 -32.16 -6.13 -33.22
N VAL D 155 -31.77 -7.30 -32.79
CA VAL D 155 -30.85 -8.12 -33.56
C VAL D 155 -31.08 -9.58 -33.16
N GLU D 156 -30.78 -10.50 -34.05
CA GLU D 156 -30.91 -11.91 -33.73
C GLU D 156 -29.94 -12.21 -32.59
N TRP D 157 -30.41 -12.84 -31.52
CA TRP D 157 -29.53 -13.14 -30.40
C TRP D 157 -28.90 -14.53 -30.54
N ALA D 158 -27.65 -14.55 -31.02
CA ALA D 158 -26.90 -15.79 -31.23
C ALA D 158 -26.10 -16.21 -30.01
N ALA D 159 -25.99 -17.53 -29.83
CA ALA D 159 -25.23 -18.07 -28.71
C ALA D 159 -23.76 -17.66 -28.80
N ASP D 160 -23.14 -17.53 -27.64
CA ASP D 160 -21.74 -17.20 -27.48
C ASP D 160 -21.24 -15.85 -28.02
N VAL D 161 -22.15 -14.97 -28.45
CA VAL D 161 -21.72 -13.66 -28.95
C VAL D 161 -21.87 -12.62 -27.85
N TRP D 162 -20.80 -11.87 -27.58
CA TRP D 162 -20.87 -10.83 -26.56
C TRP D 162 -21.45 -9.53 -27.14
N HIS D 163 -22.49 -9.00 -26.48
CA HIS D 163 -23.12 -7.77 -26.93
C HIS D 163 -22.75 -6.73 -25.90
N ASN D 164 -22.07 -5.69 -26.36
CA ASN D 164 -21.64 -4.63 -25.50
C ASN D 164 -22.60 -3.48 -25.74
N VAL D 165 -23.04 -2.87 -24.66
CA VAL D 165 -24.03 -1.80 -24.75
C VAL D 165 -23.73 -0.64 -23.83
N ALA D 166 -24.19 0.54 -24.21
CA ALA D 166 -24.12 1.68 -23.32
C ALA D 166 -25.39 2.48 -23.61
N TYR D 167 -26.16 2.79 -22.57
CA TYR D 167 -27.33 3.64 -22.71
C TYR D 167 -26.76 5.05 -22.50
N GLU D 168 -27.03 5.95 -23.43
CA GLU D 168 -26.57 7.34 -23.31
C GLU D 168 -27.81 8.04 -22.80
N ILE D 169 -27.83 8.37 -21.51
CA ILE D 169 -28.99 9.00 -20.90
C ILE D 169 -28.75 10.46 -20.48
N ASP D 170 -29.66 11.34 -20.89
CA ASP D 170 -29.56 12.73 -20.48
C ASP D 170 -30.80 12.90 -19.62
N PHE D 171 -30.61 12.88 -18.31
CA PHE D 171 -31.71 13.00 -17.39
C PHE D 171 -32.26 14.41 -17.36
N ALA D 172 -31.47 15.37 -17.82
CA ALA D 172 -31.90 16.77 -17.83
C ALA D 172 -32.75 17.08 -19.07
N ALA D 173 -32.49 16.35 -20.15
CA ALA D 173 -33.19 16.53 -21.41
C ALA D 173 -34.27 15.50 -21.71
N GLY D 174 -34.32 14.43 -20.92
CA GLY D 174 -35.33 13.41 -21.15
C GLY D 174 -35.10 12.61 -22.43
N THR D 175 -33.87 12.16 -22.66
CA THR D 175 -33.60 11.40 -23.88
C THR D 175 -32.67 10.22 -23.61
N VAL D 176 -32.77 9.21 -24.47
CA VAL D 176 -31.91 8.04 -24.33
C VAL D 176 -31.42 7.58 -25.69
N GLY D 177 -30.11 7.45 -25.80
CA GLY D 177 -29.49 6.97 -27.04
C GLY D 177 -28.90 5.59 -26.78
N PHE D 178 -28.60 4.88 -27.85
CA PHE D 178 -28.13 3.49 -27.73
C PHE D 178 -26.81 3.24 -28.46
N TRP D 179 -25.79 2.80 -27.73
CA TRP D 179 -24.51 2.46 -28.30
C TRP D 179 -24.38 0.94 -28.19
N HIS D 180 -23.80 0.32 -29.21
CA HIS D 180 -23.68 -1.15 -29.22
C HIS D 180 -22.55 -1.68 -30.09
N SER D 181 -22.12 -2.90 -29.81
CA SER D 181 -21.15 -3.60 -30.65
C SER D 181 -21.19 -5.05 -30.21
N THR D 182 -20.64 -5.92 -31.03
CA THR D 182 -20.52 -7.32 -30.64
C THR D 182 -19.02 -7.61 -30.61
N GLY D 183 -18.65 -8.58 -29.78
CA GLY D 183 -17.26 -8.97 -29.66
C GLY D 183 -16.32 -7.97 -29.04
N SER D 184 -15.18 -7.79 -29.70
CA SER D 184 -14.17 -6.88 -29.18
C SER D 184 -14.25 -5.49 -29.84
N ASP D 185 -15.19 -5.31 -30.77
CA ASP D 185 -15.33 -4.03 -31.48
C ASP D 185 -15.83 -2.90 -30.58
N PRO D 186 -15.33 -1.68 -30.80
CA PRO D 186 -15.80 -0.57 -29.97
C PRO D 186 -17.23 -0.18 -30.29
N LEU D 187 -17.87 0.39 -29.28
CA LEU D 187 -19.27 0.81 -29.37
C LEU D 187 -19.45 1.90 -30.41
N THR D 188 -20.54 1.81 -31.18
CA THR D 188 -20.90 2.86 -32.13
C THR D 188 -22.35 3.19 -31.78
N ARG D 189 -22.77 4.43 -32.01
CA ARG D 189 -24.13 4.80 -31.65
C ARG D 189 -25.12 4.35 -32.71
N LYS D 190 -25.88 3.31 -32.41
CA LYS D 190 -26.84 2.79 -33.36
C LYS D 190 -28.16 3.54 -33.41
N VAL D 191 -28.57 4.18 -32.30
CA VAL D 191 -29.81 4.98 -32.33
C VAL D 191 -29.54 6.30 -31.63
N ALA D 192 -29.78 7.42 -32.31
CA ALA D 192 -29.55 8.73 -31.71
C ALA D 192 -30.57 8.89 -30.58
N PRO D 193 -30.29 9.76 -29.60
CA PRO D 193 -31.18 9.98 -28.46
C PRO D 193 -32.67 10.15 -28.80
N VAL D 194 -33.48 9.32 -28.13
CA VAL D 194 -34.95 9.26 -28.27
C VAL D 194 -35.59 9.92 -27.06
N LYS D 195 -36.62 10.75 -27.30
CA LYS D 195 -37.30 11.43 -26.19
C LYS D 195 -38.15 10.46 -25.36
N THR D 196 -38.11 10.62 -24.04
CA THR D 196 -38.90 9.80 -23.13
C THR D 196 -38.73 10.33 -21.71
N SER D 197 -39.66 9.95 -20.83
CA SER D 197 -39.57 10.38 -19.44
C SER D 197 -38.44 9.61 -18.79
N THR D 198 -37.32 10.27 -18.54
CA THR D 198 -36.19 9.59 -17.91
C THR D 198 -36.18 9.86 -16.43
N SER D 199 -36.73 8.93 -15.66
CA SER D 199 -36.78 9.10 -14.22
C SER D 199 -36.10 7.95 -13.49
N SER D 200 -35.21 8.28 -12.56
CA SER D 200 -34.51 7.27 -11.77
C SER D 200 -34.19 7.87 -10.43
N ASN D 201 -34.31 7.08 -9.38
CA ASN D 201 -33.99 7.58 -8.04
C ASN D 201 -32.57 7.18 -7.63
N GLY D 202 -31.81 6.65 -8.58
CA GLY D 202 -30.44 6.25 -8.27
C GLY D 202 -30.28 4.86 -7.66
N ALA D 203 -31.38 4.17 -7.35
CA ALA D 203 -31.29 2.84 -6.78
C ALA D 203 -32.39 1.98 -7.40
N ASP D 204 -32.51 2.12 -8.71
CA ASP D 204 -33.54 1.41 -9.45
C ASP D 204 -33.16 0.92 -10.84
N TRP D 205 -31.86 0.77 -11.11
CA TRP D 205 -31.41 0.20 -12.38
C TRP D 205 -31.18 -1.26 -12.02
N HIS D 206 -31.87 -2.18 -12.69
CA HIS D 206 -31.75 -3.58 -12.38
C HIS D 206 -30.78 -4.34 -13.27
N VAL D 207 -29.59 -4.57 -12.72
CA VAL D 207 -28.56 -5.33 -13.43
C VAL D 207 -28.91 -6.80 -13.21
N GLY D 208 -29.48 -7.39 -14.24
CA GLY D 208 -29.91 -8.77 -14.16
C GLY D 208 -31.10 -9.01 -15.05
N VAL D 209 -31.89 -10.04 -14.72
CA VAL D 209 -33.01 -10.42 -15.54
C VAL D 209 -34.32 -10.70 -14.80
N LEU D 210 -35.42 -10.26 -15.42
CA LEU D 210 -36.75 -10.51 -14.92
C LEU D 210 -37.43 -11.30 -16.06
N GLU D 211 -38.02 -12.43 -15.74
CA GLU D 211 -38.70 -13.26 -16.75
C GLU D 211 -40.17 -13.40 -16.34
N LEU D 212 -41.05 -12.96 -17.23
CA LEU D 212 -42.48 -12.99 -16.96
C LEU D 212 -43.02 -14.38 -17.12
N PRO D 213 -44.06 -14.73 -16.35
CA PRO D 213 -44.67 -16.07 -16.44
C PRO D 213 -45.52 -16.14 -17.71
N ARG D 214 -45.73 -17.35 -18.20
CA ARG D 214 -46.50 -17.57 -19.40
C ARG D 214 -47.21 -18.92 -19.16
N SER D 215 -48.53 -18.87 -19.05
CA SER D 215 -49.33 -20.07 -18.77
C SER D 215 -49.00 -21.27 -19.65
N GLY D 216 -48.60 -22.36 -19.00
CA GLY D 216 -48.28 -23.58 -19.71
C GLY D 216 -46.79 -23.79 -19.94
N TYR D 217 -46.00 -22.75 -19.69
CA TYR D 217 -44.58 -22.83 -19.92
C TYR D 217 -43.78 -22.96 -18.63
N PRO D 218 -43.49 -24.20 -18.24
CA PRO D 218 -42.74 -24.55 -17.03
C PRO D 218 -41.33 -23.98 -17.10
N ASP D 219 -40.79 -23.62 -15.94
CA ASP D 219 -39.44 -23.08 -15.89
C ASP D 219 -38.39 -24.11 -16.28
N SER D 220 -37.22 -23.61 -16.65
CA SER D 220 -36.06 -24.40 -17.03
C SER D 220 -34.89 -23.50 -16.65
N ASN D 221 -33.75 -24.08 -16.24
CA ASN D 221 -32.62 -23.24 -15.85
C ASN D 221 -32.16 -22.36 -17.00
N GLU D 222 -31.96 -21.09 -16.69
CA GLU D 222 -31.53 -20.12 -17.70
C GLU D 222 -30.34 -19.35 -17.17
N ASP D 223 -29.27 -19.29 -17.95
CA ASP D 223 -28.08 -18.59 -17.54
C ASP D 223 -27.82 -17.38 -18.43
N PHE D 224 -27.29 -16.32 -17.84
CA PHE D 224 -27.00 -15.10 -18.59
C PHE D 224 -25.62 -14.69 -18.15
N TYR D 225 -24.78 -14.26 -19.09
CA TYR D 225 -23.42 -13.90 -18.76
C TYR D 225 -23.24 -12.40 -18.86
N TRP D 226 -22.60 -11.83 -17.85
CA TRP D 226 -22.38 -10.38 -17.76
C TRP D 226 -20.97 -9.95 -17.42
N SER D 227 -20.55 -8.83 -18.01
CA SER D 227 -19.24 -8.29 -17.69
C SER D 227 -19.24 -6.80 -18.04
N GLY D 228 -18.22 -6.08 -17.62
CA GLY D 228 -18.12 -4.66 -17.94
C GLY D 228 -19.28 -3.76 -17.53
N VAL D 229 -19.87 -4.00 -16.36
CA VAL D 229 -20.99 -3.14 -15.92
C VAL D 229 -20.47 -1.96 -15.10
N TYR D 230 -20.67 -0.73 -15.61
CA TYR D 230 -20.28 0.46 -14.87
C TYR D 230 -21.01 1.67 -15.43
N ILE D 231 -20.99 2.77 -14.69
CA ILE D 231 -21.66 3.99 -15.13
C ILE D 231 -20.60 5.10 -15.20
N GLU D 232 -20.62 5.85 -16.30
CA GLU D 232 -19.63 6.90 -16.61
C GLU D 232 -20.29 8.26 -16.87
N SER D 233 -19.56 9.35 -16.65
CA SER D 233 -20.12 10.68 -16.94
C SER D 233 -19.11 11.46 -17.81
N GLY D 234 -19.56 12.54 -18.43
CA GLY D 234 -18.63 13.33 -19.24
C GLY D 234 -18.38 12.82 -20.65
N SER D 235 -17.59 11.75 -20.78
CA SER D 235 -17.29 11.17 -22.08
C SER D 235 -17.62 9.69 -21.99
N LEU D 236 -17.77 9.07 -23.15
CA LEU D 236 -18.04 7.65 -23.24
C LEU D 236 -16.79 6.88 -23.66
N THR D 237 -16.46 5.82 -22.94
CA THR D 237 -15.35 4.97 -23.29
C THR D 237 -15.96 4.00 -24.31
N THR D 238 -15.49 4.03 -25.56
CA THR D 238 -16.06 3.13 -26.56
C THR D 238 -15.37 1.76 -26.53
N SER D 239 -14.15 1.72 -26.01
CA SER D 239 -13.41 0.46 -25.93
C SER D 239 -14.06 -0.51 -24.95
N VAL D 240 -14.24 -1.76 -25.36
CA VAL D 240 -14.87 -2.73 -24.47
C VAL D 240 -13.98 -3.09 -23.27
N ALA D 241 -12.71 -2.67 -23.31
CA ALA D 241 -11.78 -2.95 -22.21
C ALA D 241 -11.95 -1.97 -21.06
N GLY D 242 -12.70 -0.89 -21.30
CA GLY D 242 -12.92 0.08 -20.24
C GLY D 242 -11.87 1.14 -20.15
N PRO D 243 -12.10 2.20 -19.35
CA PRO D 243 -11.18 3.31 -19.17
C PRO D 243 -9.83 2.87 -18.61
N GLY D 244 -8.77 3.55 -19.03
CA GLY D 244 -7.44 3.22 -18.55
C GLY D 244 -6.82 1.96 -19.09
N GLN D 245 -7.56 1.19 -19.87
CA GLN D 245 -7.03 -0.04 -20.43
C GLN D 245 -6.60 0.15 -21.86
N PRO D 246 -5.63 -0.66 -22.33
CA PRO D 246 -5.16 -0.57 -23.72
C PRO D 246 -6.36 -0.89 -24.61
N ILE D 247 -6.38 -0.35 -25.82
CA ILE D 247 -7.51 -0.61 -26.73
C ILE D 247 -7.33 -1.82 -27.66
#